data_8CB6
#
_entry.id   8CB6
#
_cell.length_a   97.340
_cell.length_b   102.945
_cell.length_c   129.916
_cell.angle_alpha   90.00
_cell.angle_beta   90.00
_cell.angle_gamma   90.00
#
_symmetry.space_group_name_H-M   'P 21 21 21'
#
loop_
_entity.id
_entity.type
_entity.pdbx_description
1 polymer 'Lysosomal alpha-glucosidase (76 kDa)'
2 polymer 'Lysosomal alpha-glucosidase (70 kDa)'
3 branched 2-acetamido-2-deoxy-beta-D-glucopyranose-(1-4)-[alpha-L-fucopyranose-(1-6)]2-acetamido-2-deoxy-beta-D-glucopyranose
4 branched 2-acetamido-2-deoxy-beta-D-glucopyranose-(1-4)-2-acetamido-2-deoxy-beta-D-glucopyranose
5 branched beta-D-mannopyranose-(1-4)-2-acetamido-2-deoxy-beta-D-glucopyranose-(1-4)-2-acetamido-2-deoxy-beta-D-glucopyranose
6 non-polymer 'CHLORIDE ION'
7 non-polymer 1,2-ETHANEDIOL
8 non-polymer GLYCEROL
9 non-polymer (1S,2R,3R,4R,5R)-5-[8-[4-(4-azanylbutyl)-1,2,3-triazol-1-yl]octylamino]-4-(hydroxymethyl)cyclohexane-1,2,3-triol
10 non-polymer 2-acetamido-2-deoxy-beta-D-glucopyranose
11 non-polymer 'SULFATE ION'
12 non-polymer 'TRIETHYLENE GLYCOL'
13 water water
#
loop_
_entity_poly.entity_id
_entity_poly.type
_entity_poly.pdbx_seq_one_letter_code
_entity_poly.pdbx_strand_id
1 'polypeptide(L)'
;QCDVPPNSRFDCAPDKAITQEQCEARGCCYIPAKQGLQGAQMGQPWCFFPPSYPSYKLENLSSSEMGYTATLTRTTPTFF
PKDILTLRLDVMMETENRLHFTIKDPANRRYEVPLETPRVHSR
;
F
2 'polypeptide(L)'
;APSPLYSVEFSEEPFGVIVHRQLDGRVLLNTTVAPLFFADQFLQLSTSLPSQYITGLAEHLSPLMLSTSWTRITLWNRDL
APTPGANLYGSHPFYLALEDGGSAHGVFLLNSNAMDVVLQPSPALSWRSTGGILDVYIFLGPEPKSVVQQYLDVVGYPFM
PPYWGLGFHLCRWGYSSTAITRQVVENMTRAHFPLDVQWNDLDYMDSRRDFTFNKDGFRDFPAMVQELHQGGRRYMMIVD
PAISSSGPAGSYRPYDEGLRRGVFITNETGQPLIGKVWPGSTAFPDFTNPTALAWWEDMVAEFHDQVPFDGMWIDMNEPS
NFIRGSEDGCPNNELENPPYVPGVVGGTLQAATICASSHQFLSTHYNLHNLYGLTEAIASHRALVKARGTRPFVISRSTF
AGHGRYAGHWTGDVWSSWEQLASSVPEILQFNLLGVPLVGADVCGFLGNTSEELCVRWTQLGAFYPFMRNHNSLLSLPQE
PYSFSEPAQQAMRKALTLRYALLPHLYTLFHQAHVAGETVARPLFLEFPKDSSTWTVDHQLLWGEALLITPVLQAGKAEV
TGYFPLGTWYDLQTVPIEALGSLPPPPAAPREPAIHSEGQWVTLPAPLDTINVHLRAGYIIPLQGPGLTTTESRQQPMAL
AVALTKGGEARGELFWDDGESLEVLERGAYTQVIFLARNNTIVNELVRVTSEGAGLQLQKVTVLGVATAPQQVLSNGVPV
SNFTYSPDTKVLDI(CSO)VSLLMGEQFLVSWC
;
A
#
loop_
_chem_comp.id
_chem_comp.type
_chem_comp.name
_chem_comp.formula
BMA D-saccharide, beta linking beta-D-mannopyranose 'C6 H12 O6'
CL non-polymer 'CHLORIDE ION' 'Cl -1'
EDO non-polymer 1,2-ETHANEDIOL 'C2 H6 O2'
FUC L-saccharide, alpha linking alpha-L-fucopyranose 'C6 H12 O5'
GOL non-polymer GLYCEROL 'C3 H8 O3'
NAG D-saccharide, beta linking 2-acetamido-2-deoxy-beta-D-glucopyranose 'C8 H15 N O6'
PGE non-polymer 'TRIETHYLENE GLYCOL' 'C6 H14 O4'
SO4 non-polymer 'SULFATE ION' 'O4 S -2'
U54 non-polymer (1S,2R,3R,4R,5R)-5-[8-[4-(4-azanylbutyl)-1,2,3-triazol-1-yl]octylamino]-4-(hydroxymethyl)cyclohexane-1,2,3-triol 'C21 H41 N5 O4'
#
# COMPACT_ATOMS: atom_id res chain seq x y z
N GLN A 1 -14.71 36.93 -22.14
CA GLN A 1 -15.17 35.52 -22.22
C GLN A 1 -13.97 34.57 -22.33
N CYS A 2 -12.86 35.00 -22.94
CA CYS A 2 -11.69 34.12 -23.18
C CYS A 2 -10.48 34.57 -22.36
N ASP A 3 -10.68 35.53 -21.47
CA ASP A 3 -9.63 36.12 -20.61
C ASP A 3 -9.48 35.25 -19.34
N VAL A 4 -8.94 34.05 -19.51
CA VAL A 4 -8.76 33.06 -18.41
C VAL A 4 -7.25 32.95 -18.19
N PRO A 5 -6.77 33.13 -16.95
CA PRO A 5 -5.36 32.97 -16.64
C PRO A 5 -4.85 31.61 -17.10
N PRO A 6 -3.61 31.51 -17.66
CA PRO A 6 -3.15 30.27 -18.30
C PRO A 6 -3.28 29.03 -17.40
N ASN A 7 -2.96 29.15 -16.11
CA ASN A 7 -2.91 27.99 -15.17
C ASN A 7 -4.32 27.51 -14.82
N SER A 8 -5.33 28.32 -15.10
CA SER A 8 -6.76 28.05 -14.79
C SER A 8 -7.54 27.63 -16.04
N ARG A 9 -6.87 27.35 -17.17
CA ARG A 9 -7.54 26.88 -18.41
C ARG A 9 -7.78 25.38 -18.32
N PHE A 10 -9.02 24.94 -18.52
CA PHE A 10 -9.40 23.53 -18.55
C PHE A 10 -9.58 23.11 -20.01
N ASP A 11 -8.97 21.98 -20.36
CA ASP A 11 -8.88 21.45 -21.74
C ASP A 11 -10.27 21.17 -22.32
N CYS A 12 -10.63 21.85 -23.41
CA CYS A 12 -11.89 21.63 -24.18
C CYS A 12 -11.67 20.62 -25.33
N ALA A 13 -10.45 20.09 -25.50
CA ALA A 13 -10.17 19.06 -26.51
C ALA A 13 -9.31 17.95 -25.90
N PRO A 14 -9.78 17.32 -24.80
CA PRO A 14 -9.03 16.20 -24.20
C PRO A 14 -9.07 14.94 -25.06
N ASP A 15 -9.99 14.90 -26.04
CA ASP A 15 -10.31 13.70 -26.84
C ASP A 15 -9.43 13.58 -28.11
N LYS A 16 -9.04 14.69 -28.74
CA LYS A 16 -8.38 14.69 -30.08
C LYS A 16 -7.57 15.97 -30.27
N ALA A 17 -6.63 15.94 -31.23
CA ALA A 17 -5.98 17.13 -31.84
C ALA A 17 -7.07 17.95 -32.54
N ILE A 18 -7.13 19.24 -32.25
CA ILE A 18 -8.21 20.17 -32.70
C ILE A 18 -7.53 21.34 -33.41
N THR A 19 -8.22 21.96 -34.37
CA THR A 19 -7.84 23.24 -35.01
C THR A 19 -8.54 24.38 -34.27
N GLN A 20 -8.10 25.62 -34.48
CA GLN A 20 -8.79 26.81 -33.93
C GLN A 20 -10.26 26.78 -34.34
N GLU A 21 -10.58 26.45 -35.60
CA GLU A 21 -11.97 26.62 -36.12
C GLU A 21 -12.89 25.62 -35.41
N GLN A 22 -12.42 24.38 -35.27
CA GLN A 22 -13.11 23.27 -34.57
C GLN A 22 -13.29 23.57 -33.07
N CYS A 23 -12.27 24.13 -32.44
CA CYS A 23 -12.28 24.61 -31.05
C CYS A 23 -13.40 25.66 -30.91
N GLU A 24 -13.41 26.66 -31.78
CA GLU A 24 -14.40 27.78 -31.66
C GLU A 24 -15.82 27.25 -31.96
N ALA A 25 -15.97 26.27 -32.84
CA ALA A 25 -17.26 25.61 -33.19
C ALA A 25 -17.82 24.81 -31.97
N ARG A 26 -16.96 24.35 -31.05
CA ARG A 26 -17.38 23.64 -29.81
C ARG A 26 -17.86 24.66 -28.77
N GLY A 27 -17.65 25.94 -29.05
CA GLY A 27 -17.89 27.08 -28.14
C GLY A 27 -16.76 27.22 -27.12
N CYS A 28 -15.55 26.83 -27.49
CA CYS A 28 -14.34 26.99 -26.65
C CYS A 28 -13.41 28.09 -27.17
N CYS A 29 -12.45 28.48 -26.32
CA CYS A 29 -11.45 29.55 -26.52
C CYS A 29 -10.16 28.93 -27.05
N TYR A 30 -9.56 29.57 -28.07
CA TYR A 30 -8.30 29.09 -28.67
C TYR A 30 -7.22 30.16 -28.44
N ILE A 31 -6.25 29.86 -27.59
CA ILE A 31 -5.12 30.77 -27.29
C ILE A 31 -3.88 29.91 -27.16
N PRO A 32 -2.96 29.96 -28.14
CA PRO A 32 -1.75 29.13 -28.09
C PRO A 32 -0.94 29.40 -26.83
N ALA A 33 -0.36 28.38 -26.22
CA ALA A 33 0.59 28.59 -25.10
C ALA A 33 1.80 29.36 -25.67
N LYS A 34 2.52 30.08 -24.83
CA LYS A 34 3.64 30.95 -25.29
C LYS A 34 4.92 30.14 -25.49
N GLN A 35 4.93 28.88 -25.06
CA GLN A 35 6.07 27.97 -25.31
C GLN A 35 5.56 26.54 -25.17
N GLY A 43 0.74 19.62 -21.51
CA GLY A 43 1.01 21.03 -21.14
C GLY A 43 -0.30 21.79 -21.01
N GLN A 44 -0.23 23.12 -20.90
CA GLN A 44 -1.39 24.02 -20.88
C GLN A 44 -2.19 23.79 -22.16
N PRO A 45 -3.54 23.61 -22.08
CA PRO A 45 -4.34 23.39 -23.27
C PRO A 45 -4.49 24.70 -24.06
N TRP A 46 -4.39 24.59 -25.39
CA TRP A 46 -4.59 25.71 -26.34
C TRP A 46 -6.08 25.96 -26.53
N CYS A 47 -6.88 24.90 -26.46
CA CYS A 47 -8.36 24.94 -26.57
C CYS A 47 -8.96 24.75 -25.17
N PHE A 48 -9.70 25.73 -24.65
CA PHE A 48 -10.15 25.66 -23.22
C PHE A 48 -11.55 26.27 -23.07
N PHE A 49 -12.21 25.88 -21.98
CA PHE A 49 -13.61 26.28 -21.72
C PHE A 49 -13.64 27.74 -21.33
N PRO A 50 -14.51 28.58 -21.94
CA PRO A 50 -14.82 29.87 -21.34
C PRO A 50 -15.69 29.64 -20.11
N PRO A 51 -15.79 30.63 -19.19
CA PRO A 51 -16.69 30.53 -18.04
C PRO A 51 -18.17 30.30 -18.39
N SER A 52 -18.58 30.60 -19.62
CA SER A 52 -19.97 30.48 -20.11
C SER A 52 -20.17 29.13 -20.82
N TYR A 53 -19.17 28.27 -20.88
CA TYR A 53 -19.37 26.95 -21.53
C TYR A 53 -20.54 26.24 -20.86
N PRO A 54 -21.49 25.65 -21.62
CA PRO A 54 -22.66 24.98 -21.04
C PRO A 54 -22.30 23.82 -20.11
N SER A 55 -22.86 23.82 -18.91
CA SER A 55 -22.72 22.74 -17.89
C SER A 55 -24.11 22.23 -17.56
N TYR A 56 -24.29 21.67 -16.38
CA TYR A 56 -25.60 21.31 -15.80
C TYR A 56 -26.06 22.48 -14.95
N LYS A 57 -27.37 22.62 -14.85
CA LYS A 57 -28.07 23.57 -13.96
C LYS A 57 -28.68 22.75 -12.80
N LEU A 58 -28.52 23.23 -11.58
CA LEU A 58 -29.16 22.66 -10.36
C LEU A 58 -30.64 23.04 -10.35
N GLU A 59 -31.54 22.09 -10.10
CA GLU A 59 -32.99 22.39 -10.00
C GLU A 59 -33.56 21.60 -8.84
N ASN A 60 -34.56 22.15 -8.15
CA ASN A 60 -35.35 21.42 -7.13
C ASN A 60 -34.41 20.88 -6.06
N LEU A 61 -33.44 21.68 -5.63
CA LEU A 61 -32.65 21.32 -4.42
C LEU A 61 -33.61 21.19 -3.25
N SER A 62 -33.50 20.09 -2.52
CA SER A 62 -34.40 19.81 -1.37
CA SER A 62 -34.41 19.71 -1.41
C SER A 62 -33.56 19.22 -0.24
N SER A 63 -34.03 19.48 0.98
CA SER A 63 -33.39 19.02 2.23
C SER A 63 -33.97 17.65 2.59
N SER A 64 -33.14 16.72 3.02
CA SER A 64 -33.49 15.40 3.61
C SER A 64 -32.90 15.33 5.03
N GLU A 65 -33.26 14.31 5.81
CA GLU A 65 -32.65 14.09 7.16
C GLU A 65 -31.15 13.84 7.01
N MET A 66 -30.69 13.24 5.90
CA MET A 66 -29.27 12.89 5.67
C MET A 66 -28.52 14.03 4.98
N GLY A 67 -29.22 14.92 4.29
CA GLY A 67 -28.55 16.02 3.58
C GLY A 67 -29.44 16.59 2.51
N TYR A 68 -29.09 16.38 1.24
CA TYR A 68 -29.75 17.11 0.13
C TYR A 68 -29.94 16.19 -1.07
N THR A 69 -30.93 16.53 -1.88
CA THR A 69 -31.13 15.92 -3.21
CA THR A 69 -31.16 15.90 -3.20
C THR A 69 -31.49 17.02 -4.19
N ALA A 70 -31.13 16.81 -5.45
CA ALA A 70 -31.43 17.75 -6.54
C ALA A 70 -31.44 17.03 -7.87
N THR A 71 -32.02 17.71 -8.85
CA THR A 71 -31.93 17.33 -10.27
C THR A 71 -30.89 18.23 -10.91
N LEU A 72 -30.08 17.67 -11.79
CA LEU A 72 -29.12 18.40 -12.65
C LEU A 72 -29.57 18.23 -14.10
N THR A 73 -29.65 19.34 -14.83
CA THR A 73 -30.14 19.36 -16.23
C THR A 73 -29.13 20.04 -17.15
N ARG A 74 -28.71 19.31 -18.19
CA ARG A 74 -27.89 19.87 -19.29
C ARG A 74 -28.84 20.18 -20.45
N THR A 75 -28.75 21.39 -20.99
CA THR A 75 -29.60 21.89 -22.10
CA THR A 75 -29.61 21.87 -22.10
C THR A 75 -28.86 21.78 -23.44
N THR A 76 -27.54 21.98 -23.44
CA THR A 76 -26.73 21.95 -24.69
C THR A 76 -25.84 20.72 -24.64
N PRO A 77 -25.88 19.82 -25.66
CA PRO A 77 -25.00 18.66 -25.70
C PRO A 77 -23.51 19.03 -25.66
N THR A 78 -22.67 18.11 -25.17
CA THR A 78 -21.21 18.22 -25.31
C THR A 78 -20.75 17.63 -26.65
N PHE A 79 -19.45 17.56 -26.90
CA PHE A 79 -18.85 16.92 -28.09
C PHE A 79 -18.70 15.42 -27.86
N PHE A 80 -19.04 14.87 -26.69
CA PHE A 80 -19.07 13.39 -26.51
C PHE A 80 -20.44 12.87 -26.87
N PRO A 81 -20.53 11.62 -27.39
CA PRO A 81 -21.80 10.98 -27.63
C PRO A 81 -22.50 10.56 -26.33
N LYS A 82 -23.83 10.49 -26.36
CA LYS A 82 -24.68 9.92 -25.30
C LYS A 82 -24.51 10.67 -23.97
N ASP A 83 -24.54 12.00 -24.01
CA ASP A 83 -24.76 12.83 -22.81
C ASP A 83 -26.00 12.31 -22.07
N ILE A 84 -25.94 12.24 -20.74
CA ILE A 84 -27.12 11.96 -19.89
C ILE A 84 -27.63 13.31 -19.43
N LEU A 85 -28.72 13.79 -20.03
CA LEU A 85 -29.12 15.23 -19.93
C LEU A 85 -29.76 15.50 -18.56
N THR A 86 -30.32 14.47 -17.93
CA THR A 86 -30.95 14.56 -16.59
C THR A 86 -30.25 13.61 -15.60
N LEU A 87 -29.71 14.20 -14.53
CA LEU A 87 -28.98 13.49 -13.47
C LEU A 87 -29.67 13.75 -12.12
N ARG A 88 -29.41 12.87 -11.17
CA ARG A 88 -29.85 13.04 -9.77
C ARG A 88 -28.60 13.23 -8.90
N LEU A 89 -28.61 14.28 -8.08
CA LEU A 89 -27.56 14.55 -7.06
C LEU A 89 -28.08 14.10 -5.70
N ASP A 90 -27.28 13.35 -4.95
CA ASP A 90 -27.60 12.99 -3.55
C ASP A 90 -26.41 13.39 -2.69
N VAL A 91 -26.65 14.17 -1.65
CA VAL A 91 -25.58 14.64 -0.71
C VAL A 91 -25.91 14.07 0.66
N MET A 92 -24.98 13.31 1.23
CA MET A 92 -25.16 12.59 2.51
CA MET A 92 -25.17 12.60 2.51
C MET A 92 -24.11 13.09 3.51
N MET A 93 -24.57 13.72 4.58
CA MET A 93 -23.71 14.19 5.70
CA MET A 93 -23.74 14.21 5.70
C MET A 93 -23.57 13.04 6.69
N GLU A 94 -22.65 12.12 6.40
CA GLU A 94 -22.64 10.77 7.04
C GLU A 94 -22.08 10.84 8.47
N THR A 95 -20.97 11.55 8.67
CA THR A 95 -20.33 11.74 10.00
C THR A 95 -19.83 13.17 10.10
N GLU A 96 -19.29 13.56 11.26
CA GLU A 96 -18.70 14.91 11.43
C GLU A 96 -17.49 15.06 10.49
N ASN A 97 -16.82 13.96 10.11
N ASN A 97 -16.80 13.99 10.09
CA ASN A 97 -15.56 13.98 9.33
CA ASN A 97 -15.58 14.13 9.25
C ASN A 97 -15.79 13.53 7.88
C ASN A 97 -15.79 13.56 7.84
N ARG A 98 -16.94 12.95 7.55
CA ARG A 98 -17.16 12.30 6.24
C ARG A 98 -18.38 12.86 5.53
N LEU A 99 -18.15 13.42 4.33
CA LEU A 99 -19.23 13.90 3.44
C LEU A 99 -19.24 13.00 2.22
N HIS A 100 -20.43 12.68 1.71
CA HIS A 100 -20.56 11.72 0.59
C HIS A 100 -21.59 12.26 -0.38
N PHE A 101 -21.25 12.33 -1.65
CA PHE A 101 -22.27 12.72 -2.66
C PHE A 101 -22.14 11.83 -3.89
N THR A 102 -23.28 11.61 -4.53
CA THR A 102 -23.34 10.79 -5.76
C THR A 102 -24.08 11.59 -6.81
N ILE A 103 -23.65 11.41 -8.03
CA ILE A 103 -24.36 11.90 -9.25
C ILE A 103 -24.64 10.68 -10.11
N LYS A 104 -25.91 10.44 -10.41
CA LYS A 104 -26.39 9.20 -11.05
C LYS A 104 -27.40 9.54 -12.14
N ASP A 105 -27.67 8.56 -12.99
CA ASP A 105 -28.78 8.61 -13.97
C ASP A 105 -30.03 8.07 -13.29
N PRO A 106 -31.06 8.90 -13.01
CA PRO A 106 -32.26 8.42 -12.31
C PRO A 106 -33.10 7.48 -13.18
N ALA A 107 -32.89 7.47 -14.50
CA ALA A 107 -33.68 6.66 -15.47
C ALA A 107 -33.04 5.28 -15.70
N ASN A 108 -31.77 5.05 -15.34
CA ASN A 108 -31.08 3.76 -15.62
C ASN A 108 -30.10 3.44 -14.50
N ARG A 109 -30.13 2.21 -14.02
CA ARG A 109 -29.09 1.68 -13.11
C ARG A 109 -27.80 1.65 -13.93
N ARG A 110 -26.76 2.31 -13.46
CA ARG A 110 -25.41 2.29 -14.12
C ARG A 110 -24.52 1.44 -13.22
N TYR A 111 -23.42 0.96 -13.77
CA TYR A 111 -22.46 0.15 -13.03
C TYR A 111 -21.99 0.95 -11.80
N GLU A 112 -21.93 0.26 -10.66
CA GLU A 112 -21.40 0.77 -9.37
C GLU A 112 -20.41 -0.24 -8.83
N VAL A 113 -19.33 0.25 -8.25
CA VAL A 113 -18.29 -0.63 -7.66
C VAL A 113 -18.92 -1.35 -6.46
N PRO A 114 -18.85 -2.69 -6.35
CA PRO A 114 -19.27 -3.34 -5.11
C PRO A 114 -18.50 -2.81 -3.88
N LEU A 115 -19.19 -2.39 -2.82
CA LEU A 115 -18.57 -1.85 -1.57
C LEU A 115 -19.47 -2.17 -0.37
N GLU A 116 -18.89 -2.75 0.67
CA GLU A 116 -19.56 -3.02 1.98
C GLU A 116 -19.81 -1.69 2.71
N THR A 117 -20.94 -1.61 3.42
CA THR A 117 -21.44 -0.43 4.17
C THR A 117 -20.39 0.08 5.17
N ALA B 1 -18.09 21.50 20.33
CA ALA B 1 -19.45 21.94 19.92
C ALA B 1 -19.92 21.06 18.76
N PRO B 2 -21.13 20.45 18.85
CA PRO B 2 -21.58 19.47 17.85
C PRO B 2 -21.90 20.12 16.50
N SER B 3 -21.08 19.82 15.50
CA SER B 3 -21.25 20.29 14.10
C SER B 3 -20.26 19.50 13.27
N PRO B 4 -20.55 19.22 11.98
CA PRO B 4 -19.55 18.64 11.09
C PRO B 4 -18.34 19.56 10.95
N LEU B 5 -17.22 19.02 10.50
CA LEU B 5 -16.01 19.81 10.22
C LEU B 5 -16.15 20.56 8.88
N TYR B 6 -17.14 20.19 8.06
CA TYR B 6 -17.36 20.73 6.71
C TYR B 6 -18.65 21.54 6.69
N SER B 7 -18.73 22.48 5.75
CA SER B 7 -19.99 23.14 5.34
C SER B 7 -20.11 22.94 3.84
N VAL B 8 -21.33 22.82 3.32
CA VAL B 8 -21.57 22.54 1.89
CA VAL B 8 -21.53 22.56 1.87
C VAL B 8 -22.48 23.61 1.30
N GLU B 9 -22.15 24.11 0.12
CA GLU B 9 -23.05 25.01 -0.64
C GLU B 9 -22.99 24.62 -2.11
N PHE B 10 -23.89 25.16 -2.91
CA PHE B 10 -24.02 24.77 -4.33
C PHE B 10 -24.09 26.01 -5.20
N SER B 11 -23.41 25.97 -6.34
CA SER B 11 -23.65 26.94 -7.42
C SER B 11 -24.78 26.38 -8.29
N GLU B 12 -25.73 27.23 -8.70
CA GLU B 12 -26.93 26.80 -9.46
C GLU B 12 -26.58 26.62 -10.95
N GLU B 13 -25.89 27.58 -11.56
CA GLU B 13 -25.63 27.60 -13.01
C GLU B 13 -24.38 28.43 -13.25
N PRO B 14 -23.22 27.84 -13.59
CA PRO B 14 -23.09 26.39 -13.78
C PRO B 14 -23.07 25.66 -12.44
N PHE B 15 -23.50 24.40 -12.46
CA PHE B 15 -23.63 23.57 -11.25
C PHE B 15 -22.23 23.33 -10.66
N GLY B 16 -22.15 23.40 -9.35
CA GLY B 16 -20.93 23.06 -8.60
C GLY B 16 -21.25 22.74 -7.17
N VAL B 17 -20.46 21.84 -6.58
CA VAL B 17 -20.47 21.56 -5.14
C VAL B 17 -19.29 22.31 -4.53
N ILE B 18 -19.54 23.06 -3.47
CA ILE B 18 -18.50 23.83 -2.73
C ILE B 18 -18.45 23.29 -1.30
N VAL B 19 -17.27 22.85 -0.87
CA VAL B 19 -17.06 22.32 0.49
C VAL B 19 -16.01 23.18 1.16
N HIS B 20 -16.39 23.82 2.26
CA HIS B 20 -15.49 24.61 3.14
C HIS B 20 -15.07 23.75 4.33
N ARG B 21 -13.86 23.97 4.85
CA ARG B 21 -13.53 23.60 6.25
C ARG B 21 -14.18 24.67 7.15
N GLN B 22 -15.09 24.29 8.04
CA GLN B 22 -15.81 25.25 8.94
C GLN B 22 -14.83 26.06 9.79
N LEU B 23 -13.78 25.43 10.31
CA LEU B 23 -12.96 26.06 11.39
C LEU B 23 -12.30 27.33 10.83
N ASP B 24 -11.75 27.30 9.59
CA ASP B 24 -10.99 28.43 9.01
C ASP B 24 -11.61 28.94 7.71
N GLY B 25 -12.73 28.40 7.24
CA GLY B 25 -13.39 28.83 5.99
C GLY B 25 -12.68 28.40 4.71
N ARG B 26 -11.62 27.58 4.77
CA ARG B 26 -10.83 27.23 3.55
C ARG B 26 -11.70 26.44 2.58
N VAL B 27 -11.65 26.79 1.29
CA VAL B 27 -12.38 26.05 0.22
C VAL B 27 -11.54 24.81 -0.09
N LEU B 28 -12.09 23.63 0.17
CA LEU B 28 -11.40 22.33 -0.06
C LEU B 28 -11.81 21.77 -1.42
N LEU B 29 -13.11 21.81 -1.73
CA LEU B 29 -13.68 21.34 -3.01
C LEU B 29 -14.49 22.47 -3.61
N ASN B 30 -14.33 22.70 -4.90
CA ASN B 30 -15.17 23.64 -5.68
C ASN B 30 -15.29 23.12 -7.11
N THR B 31 -16.39 22.44 -7.42
CA THR B 31 -16.54 21.76 -8.74
C THR B 31 -17.08 22.77 -9.76
N THR B 32 -17.35 24.02 -9.36
CA THR B 32 -17.81 25.08 -10.30
C THR B 32 -16.68 25.46 -11.26
N VAL B 33 -15.43 25.10 -10.97
CA VAL B 33 -14.25 25.57 -11.75
C VAL B 33 -14.28 25.11 -13.21
N ALA B 34 -14.97 24.02 -13.52
CA ALA B 34 -15.05 23.49 -14.90
C ALA B 34 -16.41 22.83 -15.10
N PRO B 35 -16.83 22.63 -16.37
CA PRO B 35 -18.14 22.06 -16.65
C PRO B 35 -18.21 20.61 -16.10
N LEU B 36 -19.39 20.21 -15.65
CA LEU B 36 -19.67 18.79 -15.38
C LEU B 36 -19.99 18.11 -16.71
N PHE B 37 -19.26 17.04 -17.03
CA PHE B 37 -19.55 16.15 -18.18
C PHE B 37 -20.05 14.82 -17.62
N PHE B 38 -21.13 14.31 -18.19
CA PHE B 38 -21.69 13.01 -17.76
C PHE B 38 -22.34 12.38 -18.99
N ALA B 39 -21.55 11.63 -19.73
CA ALA B 39 -21.97 10.84 -20.91
C ALA B 39 -21.73 9.37 -20.58
N ASP B 40 -22.36 8.48 -21.36
CA ASP B 40 -22.36 7.03 -21.09
C ASP B 40 -20.92 6.53 -20.86
N GLN B 41 -19.94 7.02 -21.60
CA GLN B 41 -18.54 6.54 -21.51
C GLN B 41 -17.57 7.69 -21.24
N PHE B 42 -18.04 8.79 -20.66
CA PHE B 42 -17.15 9.90 -20.27
C PHE B 42 -17.76 10.71 -19.13
N LEU B 43 -17.13 10.65 -17.95
CA LEU B 43 -17.50 11.50 -16.79
C LEU B 43 -16.33 12.44 -16.54
N GLN B 44 -16.59 13.72 -16.30
CA GLN B 44 -15.52 14.63 -15.87
C GLN B 44 -16.05 15.53 -14.76
N LEU B 45 -15.33 15.52 -13.63
CA LEU B 45 -15.62 16.41 -12.48
C LEU B 45 -14.30 17.07 -12.10
N SER B 46 -14.30 18.38 -11.94
CA SER B 46 -13.07 19.13 -11.62
C SER B 46 -13.21 19.80 -10.27
N THR B 47 -12.11 20.16 -9.65
CA THR B 47 -12.12 20.97 -8.42
C THR B 47 -10.87 21.80 -8.35
N SER B 48 -10.98 22.96 -7.70
CA SER B 48 -9.81 23.65 -7.12
C SER B 48 -9.17 22.71 -6.08
N LEU B 49 -7.86 22.81 -5.94
CA LEU B 49 -7.11 22.21 -4.82
C LEU B 49 -6.68 23.32 -3.88
N PRO B 50 -6.50 23.06 -2.56
CA PRO B 50 -6.17 24.11 -1.60
C PRO B 50 -4.69 24.49 -1.57
N SER B 51 -3.82 23.69 -2.17
CA SER B 51 -2.36 23.91 -2.21
C SER B 51 -1.79 23.09 -3.37
N GLN B 52 -0.50 23.26 -3.62
CA GLN B 52 0.28 22.54 -4.64
C GLN B 52 0.65 21.14 -4.15
N TYR B 53 0.25 20.75 -2.93
CA TYR B 53 0.72 19.52 -2.26
C TYR B 53 -0.42 18.50 -2.23
N ILE B 54 -0.22 17.42 -2.99
CA ILE B 54 -1.23 16.33 -3.16
C ILE B 54 -0.48 15.01 -3.32
N THR B 55 -0.96 14.00 -2.63
CA THR B 55 -0.44 12.61 -2.69
C THR B 55 -1.58 11.63 -2.99
N GLY B 56 -1.24 10.47 -3.55
CA GLY B 56 -2.16 9.35 -3.82
C GLY B 56 -2.20 8.95 -5.28
N LEU B 57 -3.35 8.47 -5.73
CA LEU B 57 -3.59 8.11 -7.14
C LEU B 57 -2.57 7.07 -7.63
N ALA B 58 -2.30 6.05 -6.82
CA ALA B 58 -1.43 4.90 -7.19
C ALA B 58 -2.06 4.15 -8.37
N GLU B 59 -1.28 3.37 -9.11
CA GLU B 59 0.11 3.04 -8.86
C GLU B 59 0.97 3.64 -9.98
N HIS B 60 1.94 4.47 -9.61
CA HIS B 60 2.79 5.22 -10.56
C HIS B 60 4.17 5.31 -9.93
N LEU B 61 5.21 5.37 -10.74
CA LEU B 61 6.58 5.62 -10.26
C LEU B 61 6.75 7.13 -10.21
N SER B 62 6.61 7.73 -9.02
CA SER B 62 6.78 9.19 -8.88
C SER B 62 7.11 9.56 -7.44
N PRO B 63 7.46 10.85 -7.21
CA PRO B 63 7.61 11.38 -5.86
C PRO B 63 6.31 11.18 -5.09
N LEU B 64 6.42 11.14 -3.78
CA LEU B 64 5.24 11.01 -2.91
C LEU B 64 4.29 12.17 -3.21
N MET B 65 4.80 13.40 -3.30
CA MET B 65 3.96 14.59 -3.65
C MET B 65 3.90 14.67 -5.18
N LEU B 66 2.69 14.63 -5.75
CA LEU B 66 2.51 14.55 -7.21
C LEU B 66 2.81 15.92 -7.85
N SER B 67 3.29 15.93 -9.09
CA SER B 67 3.53 17.21 -9.82
C SER B 67 2.19 17.80 -10.27
N THR B 68 1.89 19.06 -9.97
CA THR B 68 0.69 19.77 -10.51
C THR B 68 0.98 20.48 -11.84
N SER B 69 2.16 20.25 -12.46
CA SER B 69 2.58 20.92 -13.73
C SER B 69 1.98 20.19 -14.94
N TRP B 70 0.66 20.20 -15.09
CA TRP B 70 -0.04 19.64 -16.27
C TRP B 70 0.29 18.14 -16.36
N THR B 71 0.00 17.39 -15.30
CA THR B 71 0.33 15.96 -15.17
C THR B 71 -0.93 15.17 -15.47
N ARG B 72 -0.85 14.16 -16.32
CA ARG B 72 -1.96 13.23 -16.60
C ARG B 72 -1.63 11.89 -15.94
N ILE B 73 -2.38 11.50 -14.90
CA ILE B 73 -2.17 10.22 -14.15
C ILE B 73 -3.25 9.25 -14.61
N THR B 74 -2.86 8.10 -15.14
CA THR B 74 -3.77 7.09 -15.73
C THR B 74 -3.92 5.90 -14.77
N LEU B 75 -5.17 5.58 -14.47
CA LEU B 75 -5.57 4.41 -13.62
C LEU B 75 -6.14 3.33 -14.53
N TRP B 76 -5.31 2.36 -14.90
CA TRP B 76 -5.73 1.20 -15.70
C TRP B 76 -4.72 0.10 -15.44
N ASN B 77 -5.10 -0.90 -14.68
CA ASN B 77 -4.14 -1.91 -14.19
C ASN B 77 -3.43 -2.53 -15.39
N ARG B 78 -2.09 -2.58 -15.34
CA ARG B 78 -1.27 -2.96 -16.48
C ARG B 78 0.03 -3.59 -15.99
N ASP B 79 0.38 -4.70 -16.62
CA ASP B 79 1.68 -5.39 -16.44
C ASP B 79 2.71 -4.58 -17.20
N LEU B 80 3.48 -3.77 -16.49
CA LEU B 80 4.63 -3.02 -17.05
C LEU B 80 5.66 -2.83 -15.94
N ALA B 81 6.93 -3.10 -16.23
CA ALA B 81 8.01 -2.81 -15.26
C ALA B 81 7.95 -1.34 -14.87
N PRO B 82 7.99 -1.00 -13.56
CA PRO B 82 7.84 0.38 -13.13
C PRO B 82 8.78 1.36 -13.83
N THR B 83 8.17 2.41 -14.36
CA THR B 83 8.81 3.43 -15.21
C THR B 83 7.91 4.67 -15.09
N PRO B 84 8.47 5.90 -15.14
CA PRO B 84 7.65 7.10 -14.93
C PRO B 84 6.64 7.36 -16.06
N GLY B 85 5.52 8.01 -15.73
CA GLY B 85 4.54 8.46 -16.73
C GLY B 85 3.70 7.32 -17.28
N ALA B 86 3.67 6.15 -16.63
CA ALA B 86 2.94 4.97 -17.10
C ALA B 86 1.92 4.45 -16.05
N ASN B 87 0.78 3.96 -16.53
CA ASN B 87 -0.18 3.21 -15.68
C ASN B 87 0.47 1.88 -15.29
N LEU B 88 0.61 1.59 -14.00
CA LEU B 88 1.24 0.32 -13.58
C LEU B 88 0.16 -0.61 -13.01
N TYR B 89 0.53 -1.48 -12.09
CA TYR B 89 -0.25 -2.72 -11.83
C TYR B 89 -1.56 -2.43 -11.08
N GLY B 90 -1.65 -1.31 -10.36
CA GLY B 90 -2.84 -1.02 -9.54
C GLY B 90 -3.43 0.36 -9.78
N SER B 91 -4.62 0.56 -9.20
CA SER B 91 -5.43 1.79 -9.38
C SER B 91 -6.08 2.15 -8.04
N HIS B 92 -5.75 3.32 -7.50
CA HIS B 92 -6.30 3.78 -6.20
C HIS B 92 -6.79 5.21 -6.36
N PRO B 93 -8.07 5.41 -6.70
CA PRO B 93 -8.59 6.76 -6.95
C PRO B 93 -8.89 7.57 -5.69
N PHE B 94 -7.85 7.83 -4.94
CA PHE B 94 -7.90 8.55 -3.65
C PHE B 94 -6.74 9.55 -3.66
N TYR B 95 -6.99 10.77 -3.24
CA TYR B 95 -5.87 11.71 -2.94
C TYR B 95 -6.05 12.31 -1.55
N LEU B 96 -4.92 12.70 -0.98
CA LEU B 96 -4.81 13.48 0.26
C LEU B 96 -4.18 14.83 -0.11
N ALA B 97 -4.84 15.93 0.24
CA ALA B 97 -4.39 17.28 -0.13
C ALA B 97 -4.01 18.04 1.13
N LEU B 98 -2.81 18.61 1.16
CA LEU B 98 -2.35 19.40 2.32
C LEU B 98 -2.85 20.85 2.20
N GLU B 99 -3.08 21.48 3.33
CA GLU B 99 -3.58 22.88 3.45
C GLU B 99 -2.54 23.67 4.24
N ASP B 100 -2.30 24.94 3.86
CA ASP B 100 -1.36 25.84 4.59
C ASP B 100 -1.64 25.77 6.10
N GLY B 101 -0.62 25.56 6.91
CA GLY B 101 -0.80 25.42 8.37
C GLY B 101 -0.78 23.96 8.83
N GLY B 102 -1.01 22.97 7.95
CA GLY B 102 -0.79 21.55 8.32
C GLY B 102 -2.06 20.72 8.44
N SER B 103 -3.24 21.27 8.17
CA SER B 103 -4.49 20.49 8.06
C SER B 103 -4.49 19.81 6.69
N ALA B 104 -5.37 18.84 6.53
CA ALA B 104 -5.46 18.06 5.29
C ALA B 104 -6.87 17.56 5.13
N HIS B 105 -7.22 17.23 3.90
CA HIS B 105 -8.45 16.48 3.61
C HIS B 105 -8.13 15.41 2.56
N GLY B 106 -9.07 14.50 2.37
CA GLY B 106 -8.93 13.44 1.38
C GLY B 106 -10.17 13.36 0.52
N VAL B 107 -10.00 12.89 -0.70
CA VAL B 107 -11.11 12.66 -1.65
C VAL B 107 -10.97 11.26 -2.28
N PHE B 108 -12.01 10.45 -2.19
CA PHE B 108 -12.07 9.12 -2.80
C PHE B 108 -13.18 9.12 -3.86
N LEU B 109 -12.84 8.85 -5.11
CA LEU B 109 -13.85 8.66 -6.19
C LEU B 109 -14.05 7.15 -6.34
N LEU B 110 -15.19 6.64 -5.90
CA LEU B 110 -15.43 5.16 -5.90
C LEU B 110 -15.87 4.81 -7.31
N ASN B 111 -14.89 4.60 -8.18
CA ASN B 111 -15.12 4.36 -9.62
C ASN B 111 -13.98 3.45 -10.08
N SER B 112 -14.28 2.33 -10.71
CA SER B 112 -13.25 1.31 -11.09
C SER B 112 -13.01 1.31 -12.61
N ASN B 113 -13.54 2.28 -13.36
CA ASN B 113 -13.36 2.40 -14.83
C ASN B 113 -11.97 2.92 -15.14
N ALA B 114 -11.45 2.65 -16.34
CA ALA B 114 -10.22 3.34 -16.83
C ALA B 114 -10.41 4.86 -16.61
N MET B 115 -9.43 5.55 -16.06
CA MET B 115 -9.57 6.99 -15.83
C MET B 115 -8.24 7.71 -15.97
N ASP B 116 -8.32 8.98 -16.33
CA ASP B 116 -7.20 9.95 -16.25
C ASP B 116 -7.53 10.93 -15.11
N VAL B 117 -6.54 11.25 -14.32
CA VAL B 117 -6.64 12.40 -13.38
C VAL B 117 -5.62 13.44 -13.85
N VAL B 118 -6.12 14.64 -14.13
CA VAL B 118 -5.27 15.73 -14.69
C VAL B 118 -5.08 16.79 -13.61
N LEU B 119 -3.83 17.07 -13.26
CA LEU B 119 -3.46 18.07 -12.24
C LEU B 119 -2.91 19.28 -12.98
N GLN B 120 -3.34 20.48 -12.61
CA GLN B 120 -2.79 21.72 -13.22
C GLN B 120 -2.43 22.71 -12.13
N PRO B 121 -1.55 23.67 -12.47
CA PRO B 121 -0.86 24.45 -11.43
C PRO B 121 -1.65 25.62 -10.85
N SER B 122 -2.96 25.74 -11.13
CA SER B 122 -3.80 26.86 -10.59
C SER B 122 -3.85 26.93 -9.06
N PRO B 123 -3.92 25.87 -8.22
CA PRO B 123 -3.93 24.45 -8.60
C PRO B 123 -5.31 23.82 -8.64
N ALA B 124 -5.48 22.78 -9.48
CA ALA B 124 -6.79 22.16 -9.74
C ALA B 124 -6.57 20.72 -10.20
N LEU B 125 -7.63 19.93 -10.17
CA LEU B 125 -7.64 18.48 -10.52
C LEU B 125 -8.91 18.21 -11.31
N SER B 126 -8.84 17.35 -12.32
CA SER B 126 -10.01 16.87 -13.09
C SER B 126 -10.00 15.36 -13.05
N TRP B 127 -11.09 14.77 -12.60
CA TRP B 127 -11.29 13.31 -12.72
C TRP B 127 -11.92 13.08 -14.08
N ARG B 128 -11.36 12.19 -14.90
CA ARG B 128 -11.97 11.82 -16.20
C ARG B 128 -12.11 10.30 -16.25
N SER B 129 -13.33 9.80 -16.08
CA SER B 129 -13.62 8.36 -16.10
C SER B 129 -14.36 7.97 -17.38
N THR B 130 -14.22 6.70 -17.77
CA THR B 130 -14.80 6.11 -19.01
C THR B 130 -16.08 5.36 -18.68
N GLY B 131 -16.57 5.40 -17.45
CA GLY B 131 -17.88 4.78 -17.16
C GLY B 131 -18.33 4.96 -15.72
N GLY B 132 -19.35 4.20 -15.33
CA GLY B 132 -19.82 4.17 -13.96
C GLY B 132 -20.54 5.45 -13.60
N ILE B 133 -20.46 5.83 -12.34
CA ILE B 133 -21.11 7.05 -11.80
C ILE B 133 -20.08 7.88 -11.07
N LEU B 134 -20.48 9.06 -10.61
CA LEU B 134 -19.64 9.84 -9.68
C LEU B 134 -20.12 9.54 -8.26
N ASP B 135 -19.27 8.86 -7.50
CA ASP B 135 -19.55 8.49 -6.10
C ASP B 135 -18.34 8.99 -5.32
N VAL B 136 -18.51 10.12 -4.62
CA VAL B 136 -17.38 10.92 -4.07
C VAL B 136 -17.50 10.95 -2.55
N TYR B 137 -16.39 10.64 -1.88
CA TYR B 137 -16.24 10.79 -0.41
C TYR B 137 -15.21 11.87 -0.14
N ILE B 138 -15.53 12.78 0.77
CA ILE B 138 -14.61 13.81 1.29
C ILE B 138 -14.36 13.53 2.77
N PHE B 139 -13.08 13.47 3.16
CA PHE B 139 -12.66 13.16 4.55
C PHE B 139 -11.96 14.40 5.13
N LEU B 140 -12.51 14.98 6.21
CA LEU B 140 -12.12 16.32 6.72
C LEU B 140 -10.88 16.28 7.63
N GLY B 141 -10.36 15.13 8.02
CA GLY B 141 -9.15 15.15 8.87
C GLY B 141 -9.50 15.68 10.27
N PRO B 142 -8.90 16.78 10.79
CA PRO B 142 -8.02 17.66 10.03
C PRO B 142 -6.56 17.20 9.88
N GLU B 143 -6.12 16.29 10.73
CA GLU B 143 -4.72 15.79 10.71
C GLU B 143 -4.58 14.82 9.53
N PRO B 144 -3.47 14.86 8.77
CA PRO B 144 -3.22 13.85 7.74
C PRO B 144 -3.42 12.39 8.19
N LYS B 145 -2.98 12.02 9.40
CA LYS B 145 -3.20 10.66 9.94
C LYS B 145 -4.71 10.38 10.06
N SER B 146 -5.48 11.37 10.48
CA SER B 146 -6.96 11.23 10.60
C SER B 146 -7.62 11.09 9.21
N VAL B 147 -7.13 11.80 8.20
CA VAL B 147 -7.63 11.63 6.79
C VAL B 147 -7.48 10.15 6.40
N VAL B 148 -6.30 9.57 6.61
CA VAL B 148 -6.04 8.16 6.22
C VAL B 148 -7.00 7.25 6.99
N GLN B 149 -7.11 7.43 8.31
CA GLN B 149 -8.03 6.61 9.14
C GLN B 149 -9.46 6.72 8.60
N GLN B 150 -9.92 7.92 8.27
CA GLN B 150 -11.30 8.16 7.75
C GLN B 150 -11.53 7.45 6.40
N TYR B 151 -10.54 7.50 5.51
CA TYR B 151 -10.57 6.78 4.22
C TYR B 151 -10.69 5.27 4.48
N LEU B 152 -9.88 4.74 5.39
CA LEU B 152 -9.86 3.29 5.71
C LEU B 152 -11.14 2.90 6.46
N ASP B 153 -11.84 3.83 7.12
CA ASP B 153 -13.19 3.54 7.68
CA ASP B 153 -13.18 3.52 7.69
C ASP B 153 -14.15 3.16 6.54
N VAL B 154 -13.92 3.69 5.34
CA VAL B 154 -14.78 3.38 4.17
C VAL B 154 -14.29 2.11 3.46
N VAL B 155 -12.99 2.01 3.12
CA VAL B 155 -12.49 0.90 2.23
C VAL B 155 -12.03 -0.31 3.06
N GLY B 156 -11.82 -0.19 4.36
CA GLY B 156 -11.40 -1.34 5.19
C GLY B 156 -10.07 -1.06 5.87
N TYR B 157 -9.98 -1.39 7.15
CA TYR B 157 -8.70 -1.39 7.89
C TYR B 157 -7.84 -2.53 7.38
N PRO B 158 -6.52 -2.34 7.32
CA PRO B 158 -5.59 -3.39 6.90
C PRO B 158 -5.76 -4.70 7.69
N PHE B 159 -5.56 -5.84 7.02
CA PHE B 159 -5.62 -7.17 7.65
C PHE B 159 -4.42 -7.31 8.58
N MET B 160 -4.55 -8.13 9.60
CA MET B 160 -3.45 -8.42 10.55
C MET B 160 -2.67 -9.59 9.98
N PRO B 161 -1.39 -9.40 9.59
CA PRO B 161 -0.62 -10.52 9.07
C PRO B 161 -0.22 -11.45 10.20
N PRO B 162 0.15 -12.70 9.88
CA PRO B 162 0.79 -13.58 10.84
C PRO B 162 2.17 -13.02 11.16
N TYR B 163 2.67 -13.29 12.37
CA TYR B 163 3.96 -12.75 12.85
C TYR B 163 5.08 -13.20 11.91
N TRP B 164 5.03 -14.45 11.44
CA TRP B 164 6.07 -15.04 10.57
C TRP B 164 6.18 -14.27 9.23
N GLY B 165 5.10 -13.66 8.77
CA GLY B 165 5.08 -12.85 7.53
C GLY B 165 5.95 -11.59 7.63
N LEU B 166 6.31 -11.18 8.84
CA LEU B 166 7.19 -10.01 9.09
C LEU B 166 8.66 -10.43 9.08
N GLY B 167 8.97 -11.73 9.04
CA GLY B 167 10.36 -12.19 8.90
C GLY B 167 10.88 -12.00 7.48
N PHE B 168 12.10 -12.46 7.23
CA PHE B 168 12.74 -12.40 5.91
C PHE B 168 12.18 -13.49 5.01
N HIS B 169 11.85 -13.11 3.77
CA HIS B 169 11.42 -13.96 2.64
C HIS B 169 12.48 -13.99 1.56
N LEU B 170 12.77 -15.17 1.02
CA LEU B 170 13.79 -15.31 -0.04
C LEU B 170 13.21 -16.11 -1.19
N CYS B 171 13.35 -15.58 -2.40
CA CYS B 171 12.73 -16.14 -3.62
C CYS B 171 13.67 -15.88 -4.79
N ARG B 172 13.59 -16.71 -5.83
CA ARG B 172 14.04 -16.29 -7.17
C ARG B 172 13.30 -17.11 -8.20
N TRP B 173 13.22 -16.55 -9.38
CA TRP B 173 12.82 -17.30 -10.59
C TRP B 173 14.09 -18.07 -10.99
N GLY B 174 14.05 -19.40 -10.92
CA GLY B 174 15.23 -20.20 -11.32
C GLY B 174 15.73 -21.16 -10.26
N TYR B 175 15.09 -21.30 -9.08
CA TYR B 175 15.38 -22.43 -8.16
C TYR B 175 14.63 -23.66 -8.72
N SER B 176 15.32 -24.47 -9.52
CA SER B 176 14.72 -25.42 -10.49
C SER B 176 14.61 -26.83 -9.90
N SER B 177 14.93 -27.03 -8.63
CA SER B 177 14.67 -28.33 -7.96
C SER B 177 14.45 -28.11 -6.47
N THR B 178 13.92 -29.13 -5.81
CA THR B 178 13.88 -29.18 -4.32
C THR B 178 15.31 -29.24 -3.78
N ALA B 179 16.24 -29.91 -4.46
CA ALA B 179 17.64 -29.98 -3.98
C ALA B 179 18.21 -28.57 -3.92
N ILE B 180 18.03 -27.77 -4.98
CA ILE B 180 18.54 -26.36 -5.01
C ILE B 180 17.83 -25.52 -3.93
N THR B 181 16.51 -25.63 -3.85
CA THR B 181 15.70 -24.87 -2.87
C THR B 181 16.19 -25.17 -1.45
N ARG B 182 16.45 -26.45 -1.13
CA ARG B 182 16.96 -26.85 0.20
C ARG B 182 18.34 -26.23 0.46
N GLN B 183 19.18 -26.14 -0.57
CA GLN B 183 20.55 -25.55 -0.44
C GLN B 183 20.47 -24.06 -0.12
N VAL B 184 19.42 -23.35 -0.57
CA VAL B 184 19.24 -21.92 -0.22
C VAL B 184 19.09 -21.80 1.29
N VAL B 185 18.20 -22.58 1.87
CA VAL B 185 17.98 -22.60 3.34
C VAL B 185 19.28 -23.01 4.06
N GLU B 186 19.96 -24.03 3.56
CA GLU B 186 21.22 -24.50 4.19
C GLU B 186 22.28 -23.40 4.16
N ASN B 187 22.40 -22.69 3.03
CA ASN B 187 23.43 -21.66 2.82
C ASN B 187 23.12 -20.45 3.69
N MET B 188 21.85 -20.08 3.84
CA MET B 188 21.45 -18.95 4.72
C MET B 188 21.81 -19.30 6.17
N THR B 189 21.47 -20.52 6.58
CA THR B 189 21.62 -21.00 7.96
C THR B 189 23.12 -21.04 8.31
N ARG B 190 23.92 -21.67 7.45
CA ARG B 190 25.39 -21.79 7.66
C ARG B 190 26.03 -20.41 7.89
N ALA B 191 25.54 -19.34 7.22
CA ALA B 191 26.12 -17.96 7.28
C ALA B 191 25.34 -17.11 8.30
N HIS B 192 24.51 -17.74 9.12
CA HIS B 192 23.77 -17.11 10.25
C HIS B 192 22.87 -15.99 9.71
N PHE B 193 22.20 -16.19 8.59
CA PHE B 193 21.17 -15.23 8.08
C PHE B 193 19.77 -15.72 8.45
N PRO B 194 18.99 -14.91 9.17
CA PRO B 194 17.61 -15.25 9.48
C PRO B 194 16.84 -15.45 8.17
N LEU B 195 15.95 -16.42 8.17
CA LEU B 195 15.07 -16.69 7.00
C LEU B 195 13.80 -17.34 7.54
N ASP B 196 12.65 -16.67 7.41
CA ASP B 196 11.41 -17.25 7.93
C ASP B 196 10.69 -18.04 6.84
N VAL B 197 10.77 -17.58 5.60
CA VAL B 197 9.88 -18.07 4.51
C VAL B 197 10.73 -18.32 3.27
N GLN B 198 10.78 -19.59 2.84
CA GLN B 198 11.36 -19.96 1.54
C GLN B 198 10.24 -19.94 0.49
N TRP B 199 10.51 -19.31 -0.64
CA TRP B 199 9.54 -19.21 -1.76
C TRP B 199 10.05 -20.01 -2.95
N ASN B 200 9.12 -20.45 -3.81
CA ASN B 200 9.44 -20.79 -5.21
C ASN B 200 8.56 -19.97 -6.16
N ASP B 201 9.14 -19.60 -7.29
CA ASP B 201 8.46 -19.12 -8.50
C ASP B 201 7.96 -20.32 -9.33
N LEU B 202 7.69 -20.12 -10.62
CA LEU B 202 6.91 -21.10 -11.43
C LEU B 202 7.69 -22.40 -11.70
N ASP B 203 8.96 -22.48 -11.30
CA ASP B 203 9.84 -23.68 -11.43
C ASP B 203 9.13 -24.95 -10.94
N TYR B 204 8.27 -24.86 -9.91
CA TYR B 204 7.71 -26.08 -9.25
C TYR B 204 6.69 -26.78 -10.16
N MET B 205 6.09 -26.05 -11.07
CA MET B 205 4.88 -26.47 -11.79
C MET B 205 5.18 -27.57 -12.80
N ASP B 206 4.16 -28.37 -13.11
CA ASP B 206 4.24 -29.36 -14.21
C ASP B 206 3.74 -28.72 -15.51
N SER B 207 4.62 -28.52 -16.50
CA SER B 207 4.30 -27.85 -17.79
C SER B 207 3.63 -26.50 -17.52
N ARG B 208 4.09 -25.78 -16.51
CA ARG B 208 3.77 -24.36 -16.23
C ARG B 208 2.29 -24.19 -15.86
N ARG B 209 1.70 -25.22 -15.27
CA ARG B 209 0.28 -25.21 -14.84
C ARG B 209 0.13 -25.05 -13.33
N ASP B 210 -0.78 -24.17 -12.92
CA ASP B 210 -1.27 -24.04 -11.53
C ASP B 210 -1.72 -25.40 -10.99
N PHE B 211 -1.50 -25.59 -9.70
CA PHE B 211 -2.04 -26.70 -8.86
C PHE B 211 -1.45 -28.03 -9.37
N THR B 212 -0.24 -27.97 -9.88
CA THR B 212 0.56 -29.17 -10.24
C THR B 212 1.98 -28.99 -9.70
N PHE B 213 2.75 -30.07 -9.66
CA PHE B 213 4.20 -29.98 -9.48
C PHE B 213 4.88 -31.05 -10.35
N ASN B 214 6.03 -30.74 -10.91
CA ASN B 214 6.69 -31.66 -11.87
C ASN B 214 7.30 -32.81 -11.07
N LYS B 215 7.53 -33.94 -11.74
CA LYS B 215 8.02 -35.20 -11.11
C LYS B 215 9.50 -35.41 -11.47
N ASP B 216 10.19 -34.33 -11.85
CA ASP B 216 11.65 -34.28 -12.10
C ASP B 216 12.28 -33.57 -10.88
N GLY B 217 12.64 -32.30 -11.02
CA GLY B 217 13.22 -31.46 -9.93
C GLY B 217 12.34 -31.39 -8.69
N PHE B 218 11.01 -31.46 -8.81
CA PHE B 218 10.08 -31.23 -7.67
C PHE B 218 9.31 -32.50 -7.31
N ARG B 219 9.86 -33.68 -7.66
CA ARG B 219 9.19 -34.98 -7.36
C ARG B 219 8.85 -35.08 -5.87
N ASP B 220 9.73 -34.62 -4.98
CA ASP B 220 9.58 -34.73 -3.50
C ASP B 220 9.17 -33.38 -2.90
N PHE B 221 8.41 -32.60 -3.65
CA PHE B 221 7.92 -31.27 -3.22
C PHE B 221 7.22 -31.36 -1.86
N PRO B 222 6.28 -32.32 -1.61
CA PRO B 222 5.60 -32.38 -0.32
C PRO B 222 6.58 -32.50 0.86
N ALA B 223 7.58 -33.37 0.72
CA ALA B 223 8.62 -33.63 1.75
C ALA B 223 9.44 -32.36 1.99
N MET B 224 9.80 -31.63 0.94
CA MET B 224 10.61 -30.40 1.10
C MET B 224 9.84 -29.46 2.02
N VAL B 225 8.54 -29.28 1.77
CA VAL B 225 7.74 -28.28 2.51
C VAL B 225 7.50 -28.77 3.96
N GLN B 226 7.23 -30.05 4.15
CA GLN B 226 7.12 -30.68 5.50
C GLN B 226 8.41 -30.46 6.29
N GLU B 227 9.55 -30.63 5.65
CA GLU B 227 10.89 -30.41 6.30
C GLU B 227 11.05 -28.93 6.67
N LEU B 228 10.68 -27.98 5.82
CA LEU B 228 10.79 -26.55 6.19
C LEU B 228 10.03 -26.30 7.48
N HIS B 229 8.80 -26.82 7.57
CA HIS B 229 7.92 -26.70 8.76
C HIS B 229 8.58 -27.32 9.99
N GLN B 230 9.23 -28.47 9.85
CA GLN B 230 9.93 -29.14 10.99
C GLN B 230 11.03 -28.22 11.53
N GLY B 231 11.70 -27.43 10.68
CA GLY B 231 12.75 -26.49 11.10
C GLY B 231 12.23 -25.15 11.60
N GLY B 232 10.92 -24.91 11.56
CA GLY B 232 10.30 -23.69 12.09
C GLY B 232 10.12 -22.60 11.03
N ARG B 233 10.13 -22.97 9.75
CA ARG B 233 10.00 -22.01 8.62
C ARG B 233 8.67 -22.23 7.90
N ARG B 234 8.27 -21.27 7.08
CA ARG B 234 7.03 -21.33 6.28
C ARG B 234 7.45 -21.37 4.81
N TYR B 235 6.49 -21.66 3.95
CA TYR B 235 6.69 -21.87 2.53
C TYR B 235 5.62 -21.11 1.75
N MET B 236 6.05 -20.38 0.72
CA MET B 236 5.19 -19.60 -0.21
CA MET B 236 5.14 -19.69 -0.21
C MET B 236 5.50 -19.99 -1.65
N MET B 237 4.48 -19.96 -2.51
CA MET B 237 4.77 -20.16 -3.94
C MET B 237 3.81 -19.35 -4.79
N ILE B 238 4.27 -19.07 -5.99
CA ILE B 238 3.50 -18.30 -7.01
C ILE B 238 2.28 -19.10 -7.44
N VAL B 239 1.18 -18.39 -7.63
CA VAL B 239 -0.05 -18.92 -8.25
C VAL B 239 -0.46 -17.86 -9.28
N ASP B 240 -0.63 -18.26 -10.53
CA ASP B 240 -1.11 -17.37 -11.60
C ASP B 240 -2.62 -17.54 -11.72
N PRO B 241 -3.34 -16.53 -12.25
CA PRO B 241 -4.78 -16.65 -12.41
C PRO B 241 -5.25 -17.49 -13.60
N ALA B 242 -4.53 -17.45 -14.72
CA ALA B 242 -4.95 -18.07 -15.99
C ALA B 242 -4.77 -19.60 -15.90
N ILE B 243 -5.72 -20.33 -16.48
CA ILE B 243 -5.84 -21.81 -16.38
C ILE B 243 -5.68 -22.43 -17.78
N SER B 244 -4.72 -23.34 -17.90
CA SER B 244 -4.40 -24.00 -19.19
C SER B 244 -5.67 -24.63 -19.78
N SER B 245 -6.01 -24.26 -20.99
CA SER B 245 -7.26 -24.68 -21.68
C SER B 245 -6.96 -25.75 -22.75
N SER B 246 -5.71 -26.18 -22.90
CA SER B 246 -5.30 -26.93 -24.11
C SER B 246 -5.16 -28.43 -23.85
N GLY B 247 -5.19 -28.87 -22.60
CA GLY B 247 -4.75 -30.25 -22.26
C GLY B 247 -5.86 -31.18 -22.72
N PRO B 248 -5.63 -32.49 -22.87
CA PRO B 248 -6.73 -33.38 -23.24
C PRO B 248 -7.85 -33.24 -22.20
N ALA B 249 -9.08 -33.29 -22.68
CA ALA B 249 -10.27 -33.28 -21.81
C ALA B 249 -10.15 -34.38 -20.77
N GLY B 250 -10.39 -34.04 -19.49
CA GLY B 250 -10.39 -34.99 -18.38
C GLY B 250 -9.02 -35.14 -17.74
N SER B 251 -7.96 -34.52 -18.28
CA SER B 251 -6.56 -34.69 -17.79
C SER B 251 -6.11 -33.55 -16.86
N TYR B 252 -6.88 -32.47 -16.67
CA TYR B 252 -6.39 -31.31 -15.88
C TYR B 252 -7.59 -30.68 -15.18
N ARG B 253 -7.80 -31.13 -13.95
CA ARG B 253 -9.01 -30.85 -13.13
C ARG B 253 -9.29 -29.35 -13.00
N PRO B 254 -8.31 -28.44 -12.74
CA PRO B 254 -8.64 -27.03 -12.64
C PRO B 254 -9.41 -26.48 -13.86
N TYR B 255 -9.00 -26.84 -15.08
CA TYR B 255 -9.75 -26.47 -16.31
C TYR B 255 -11.04 -27.29 -16.40
N ASP B 256 -10.98 -28.62 -16.21
CA ASP B 256 -12.16 -29.52 -16.44
C ASP B 256 -13.30 -29.09 -15.49
N GLU B 257 -13.00 -28.88 -14.21
CA GLU B 257 -13.98 -28.48 -13.17
C GLU B 257 -14.44 -27.03 -13.42
N GLY B 258 -13.52 -26.12 -13.80
CA GLY B 258 -13.81 -24.71 -14.12
C GLY B 258 -14.83 -24.64 -15.24
N LEU B 259 -14.64 -25.45 -16.27
CA LEU B 259 -15.57 -25.54 -17.42
C LEU B 259 -16.95 -26.02 -16.94
N ARG B 260 -16.99 -27.11 -16.17
CA ARG B 260 -18.25 -27.69 -15.66
C ARG B 260 -19.06 -26.64 -14.89
N ARG B 261 -18.39 -25.83 -14.07
CA ARG B 261 -19.10 -24.93 -13.12
C ARG B 261 -19.26 -23.55 -13.76
N GLY B 262 -18.72 -23.32 -14.96
CA GLY B 262 -18.81 -22.04 -15.68
C GLY B 262 -18.08 -20.92 -14.95
N VAL B 263 -16.82 -21.13 -14.55
CA VAL B 263 -16.05 -20.17 -13.71
C VAL B 263 -15.33 -19.09 -14.54
N PHE B 264 -15.26 -19.22 -15.85
CA PHE B 264 -14.31 -18.42 -16.66
C PHE B 264 -15.02 -17.19 -17.23
N ILE B 265 -14.26 -16.13 -17.44
CA ILE B 265 -14.69 -14.94 -18.25
C ILE B 265 -15.04 -15.46 -19.65
N THR B 266 -16.17 -15.04 -20.19
CA THR B 266 -16.64 -15.56 -21.48
C THR B 266 -16.63 -14.46 -22.53
N ASN B 267 -16.71 -14.86 -23.79
CA ASN B 267 -16.74 -13.92 -24.92
C ASN B 267 -18.15 -13.85 -25.52
N GLU B 268 -18.26 -13.22 -26.68
CA GLU B 268 -19.55 -12.82 -27.30
C GLU B 268 -20.44 -14.05 -27.53
N THR B 269 -19.86 -15.19 -27.88
CA THR B 269 -20.63 -16.42 -28.20
C THR B 269 -20.86 -17.26 -26.94
N GLY B 270 -20.36 -16.82 -25.77
CA GLY B 270 -20.60 -17.50 -24.49
C GLY B 270 -19.53 -18.54 -24.14
N GLN B 271 -18.48 -18.65 -24.91
CA GLN B 271 -17.40 -19.63 -24.61
C GLN B 271 -16.32 -18.90 -23.83
N PRO B 272 -15.41 -19.65 -23.18
CA PRO B 272 -14.30 -19.04 -22.45
C PRO B 272 -13.46 -18.16 -23.40
N LEU B 273 -13.11 -16.97 -22.93
CA LEU B 273 -12.14 -16.10 -23.60
C LEU B 273 -10.79 -16.79 -23.43
N ILE B 274 -10.08 -16.99 -24.52
CA ILE B 274 -8.78 -17.71 -24.50
C ILE B 274 -7.69 -16.69 -24.78
N GLY B 275 -6.74 -16.59 -23.85
CA GLY B 275 -5.56 -15.75 -24.02
C GLY B 275 -4.33 -16.61 -24.05
N LYS B 276 -3.17 -16.01 -23.89
CA LYS B 276 -1.86 -16.69 -23.85
C LYS B 276 -1.11 -16.19 -22.62
N VAL B 277 -0.75 -17.11 -21.74
CA VAL B 277 0.20 -16.80 -20.62
C VAL B 277 1.16 -18.00 -20.53
N TRP B 278 1.73 -18.27 -19.36
CA TRP B 278 2.83 -19.25 -19.27
C TRP B 278 2.48 -20.61 -19.84
N PRO B 279 1.33 -21.21 -19.51
CA PRO B 279 0.98 -22.54 -19.99
C PRO B 279 0.74 -22.62 -21.51
N GLY B 280 0.65 -21.47 -22.17
CA GLY B 280 0.15 -21.34 -23.55
C GLY B 280 -1.27 -20.83 -23.50
N SER B 281 -2.19 -21.47 -24.22
CA SER B 281 -3.62 -21.06 -24.28
C SER B 281 -4.24 -21.17 -22.89
N THR B 282 -4.95 -20.16 -22.43
CA THR B 282 -5.51 -20.17 -21.07
C THR B 282 -6.85 -19.47 -21.04
N ALA B 283 -7.68 -19.90 -20.11
CA ALA B 283 -8.92 -19.20 -19.71
C ALA B 283 -8.63 -18.38 -18.44
N PHE B 284 -9.47 -17.39 -18.16
CA PHE B 284 -9.30 -16.46 -17.01
C PHE B 284 -10.48 -16.62 -16.06
N PRO B 285 -10.23 -17.04 -14.81
CA PRO B 285 -11.31 -17.12 -13.82
C PRO B 285 -11.97 -15.75 -13.63
N ASP B 286 -13.26 -15.80 -13.42
CA ASP B 286 -14.10 -14.62 -13.09
C ASP B 286 -14.32 -14.59 -11.59
N PHE B 287 -13.48 -13.87 -10.84
CA PHE B 287 -13.59 -13.85 -9.37
C PHE B 287 -14.74 -12.95 -8.88
N THR B 288 -15.63 -12.46 -9.75
CA THR B 288 -16.90 -11.82 -9.31
C THR B 288 -18.02 -12.88 -9.29
N ASN B 289 -17.77 -14.09 -9.81
CA ASN B 289 -18.76 -15.20 -9.86
C ASN B 289 -18.64 -15.99 -8.56
N PRO B 290 -19.70 -16.05 -7.73
CA PRO B 290 -19.69 -16.87 -6.50
C PRO B 290 -19.26 -18.33 -6.72
N THR B 291 -19.63 -18.91 -7.87
CA THR B 291 -19.25 -20.30 -8.20
C THR B 291 -17.73 -20.38 -8.43
N ALA B 292 -17.11 -19.40 -9.10
CA ALA B 292 -15.64 -19.33 -9.25
C ALA B 292 -14.94 -19.25 -7.88
N LEU B 293 -15.51 -18.54 -6.91
CA LEU B 293 -14.92 -18.46 -5.55
C LEU B 293 -14.93 -19.86 -4.93
N ALA B 294 -16.02 -20.62 -5.11
CA ALA B 294 -16.13 -22.00 -4.58
C ALA B 294 -15.11 -22.92 -5.27
N TRP B 295 -14.95 -22.78 -6.58
CA TRP B 295 -14.00 -23.60 -7.39
C TRP B 295 -12.55 -23.28 -6.96
N TRP B 296 -12.25 -22.01 -6.76
CA TRP B 296 -10.89 -21.57 -6.36
C TRP B 296 -10.58 -22.12 -4.97
N GLU B 297 -11.52 -21.98 -4.05
CA GLU B 297 -11.40 -22.59 -2.70
C GLU B 297 -11.12 -24.09 -2.81
N ASP B 298 -11.86 -24.82 -3.64
CA ASP B 298 -11.63 -26.28 -3.83
C ASP B 298 -10.22 -26.53 -4.39
N MET B 299 -9.79 -25.81 -5.43
CA MET B 299 -8.46 -26.05 -6.10
C MET B 299 -7.33 -25.78 -5.10
N VAL B 300 -7.44 -24.70 -4.34
CA VAL B 300 -6.42 -24.34 -3.32
C VAL B 300 -6.43 -25.40 -2.21
N ALA B 301 -7.60 -25.81 -1.69
CA ALA B 301 -7.66 -26.80 -0.60
C ALA B 301 -7.12 -28.17 -1.07
N GLU B 302 -7.51 -28.61 -2.28
CA GLU B 302 -7.00 -29.88 -2.86
C GLU B 302 -5.49 -29.83 -3.03
N PHE B 303 -4.94 -28.73 -3.56
CA PHE B 303 -3.48 -28.63 -3.76
C PHE B 303 -2.79 -28.58 -2.39
N HIS B 304 -3.37 -27.89 -1.43
CA HIS B 304 -2.80 -27.80 -0.05
C HIS B 304 -2.79 -29.19 0.62
N ASP B 305 -3.73 -30.10 0.26
CA ASP B 305 -3.69 -31.50 0.77
C ASP B 305 -2.47 -32.25 0.22
N GLN B 306 -1.95 -31.87 -0.94
CA GLN B 306 -0.71 -32.45 -1.51
C GLN B 306 0.54 -31.77 -0.93
N VAL B 307 0.56 -30.44 -0.87
CA VAL B 307 1.76 -29.62 -0.51
C VAL B 307 1.29 -28.54 0.48
N PRO B 308 1.67 -28.61 1.77
CA PRO B 308 1.11 -27.71 2.78
C PRO B 308 1.74 -26.29 2.77
N PHE B 309 1.58 -25.57 1.67
CA PHE B 309 2.07 -24.16 1.54
C PHE B 309 1.33 -23.25 2.54
N ASP B 310 1.97 -22.17 2.95
CA ASP B 310 1.53 -21.32 4.09
C ASP B 310 0.89 -20.02 3.60
N GLY B 311 0.91 -19.79 2.29
CA GLY B 311 0.36 -18.55 1.72
C GLY B 311 0.40 -18.60 0.20
N MET B 312 -0.09 -17.55 -0.44
CA MET B 312 -0.13 -17.48 -1.92
C MET B 312 0.46 -16.14 -2.40
N TRP B 313 1.35 -16.24 -3.37
CA TRP B 313 1.92 -15.11 -4.14
C TRP B 313 1.16 -15.07 -5.46
N ILE B 314 0.25 -14.13 -5.60
CA ILE B 314 -0.59 -14.01 -6.82
C ILE B 314 0.00 -12.93 -7.73
N ASP B 315 0.61 -13.39 -8.81
CA ASP B 315 1.27 -12.56 -9.84
C ASP B 315 0.37 -12.50 -11.08
N MET B 316 0.66 -11.59 -12.00
CA MET B 316 0.07 -11.62 -13.37
C MET B 316 -1.44 -11.38 -13.30
N ASN B 317 -1.94 -10.65 -12.30
CA ASN B 317 -3.40 -10.61 -12.00
C ASN B 317 -4.00 -9.25 -12.36
N GLU B 318 -3.44 -8.61 -13.38
CA GLU B 318 -3.98 -7.34 -13.94
C GLU B 318 -5.35 -7.53 -14.61
N PRO B 319 -5.76 -8.61 -15.29
CA PRO B 319 -4.97 -9.80 -15.65
C PRO B 319 -3.99 -9.55 -16.82
N SER B 320 -2.82 -10.13 -16.72
CA SER B 320 -1.75 -10.00 -17.72
C SER B 320 -1.97 -11.03 -18.85
N ASN B 321 -1.84 -10.59 -20.10
CA ASN B 321 -2.04 -11.41 -21.31
C ASN B 321 -0.81 -11.21 -22.20
N PHE B 322 -0.18 -12.28 -22.66
CA PHE B 322 1.01 -12.15 -23.55
C PHE B 322 0.60 -11.61 -24.92
N ILE B 323 -0.68 -11.69 -25.26
CA ILE B 323 -1.18 -11.25 -26.60
C ILE B 323 -2.27 -10.21 -26.32
N ARG B 324 -2.72 -9.52 -27.35
CA ARG B 324 -3.70 -8.43 -27.23
C ARG B 324 -5.12 -9.00 -27.21
N GLY B 325 -5.84 -8.90 -26.09
CA GLY B 325 -7.28 -9.23 -26.05
C GLY B 325 -7.55 -10.72 -25.88
N SER B 326 -7.42 -11.49 -26.95
CA SER B 326 -7.68 -12.94 -27.02
C SER B 326 -7.04 -13.54 -28.26
N GLU B 327 -6.86 -14.85 -28.26
CA GLU B 327 -6.35 -15.62 -29.42
C GLU B 327 -7.24 -15.29 -30.62
N ASP B 328 -8.50 -14.95 -30.41
CA ASP B 328 -9.50 -14.70 -31.47
C ASP B 328 -9.70 -13.20 -31.69
N GLY B 329 -8.78 -12.35 -31.22
CA GLY B 329 -8.92 -10.88 -31.23
C GLY B 329 -10.11 -10.40 -30.39
N CYS B 330 -10.58 -9.19 -30.66
CA CYS B 330 -11.69 -8.56 -29.92
C CYS B 330 -12.68 -8.02 -30.95
N PRO B 331 -13.98 -8.03 -30.65
CA PRO B 331 -14.97 -7.48 -31.56
C PRO B 331 -14.79 -5.95 -31.67
N ASN B 332 -15.43 -5.38 -32.67
CA ASN B 332 -15.44 -3.92 -32.90
C ASN B 332 -16.72 -3.41 -32.25
N ASN B 333 -16.64 -2.88 -31.02
CA ASN B 333 -17.81 -2.26 -30.33
C ASN B 333 -17.29 -1.07 -29.50
N GLU B 334 -18.19 -0.32 -28.89
CA GLU B 334 -17.89 0.91 -28.16
C GLU B 334 -17.13 0.63 -26.86
N LEU B 335 -17.15 -0.60 -26.34
CA LEU B 335 -16.33 -0.93 -25.13
C LEU B 335 -14.88 -1.14 -25.54
N GLU B 336 -14.65 -1.83 -26.66
CA GLU B 336 -13.28 -2.08 -27.16
C GLU B 336 -12.71 -0.80 -27.77
N ASN B 337 -13.55 0.06 -28.33
CA ASN B 337 -13.12 1.29 -29.05
C ASN B 337 -13.92 2.46 -28.48
N PRO B 338 -13.64 2.91 -27.23
CA PRO B 338 -14.46 3.91 -26.56
C PRO B 338 -14.14 5.33 -27.05
N PRO B 339 -15.08 6.29 -26.85
CA PRO B 339 -14.92 7.64 -27.41
C PRO B 339 -13.79 8.40 -26.73
N TYR B 340 -13.42 8.03 -25.50
CA TYR B 340 -12.27 8.62 -24.81
C TYR B 340 -11.40 7.49 -24.30
N VAL B 341 -10.15 7.46 -24.75
CA VAL B 341 -9.17 6.45 -24.29
C VAL B 341 -8.19 7.18 -23.40
N PRO B 342 -8.12 6.82 -22.11
CA PRO B 342 -7.15 7.46 -21.20
C PRO B 342 -5.71 7.16 -21.64
N GLY B 343 -4.73 7.83 -21.03
CA GLY B 343 -3.33 7.78 -21.47
C GLY B 343 -2.66 6.46 -21.13
N VAL B 344 -3.27 5.34 -21.48
CA VAL B 344 -2.70 3.98 -21.14
C VAL B 344 -1.49 3.69 -22.06
N VAL B 345 -0.48 3.01 -21.55
CA VAL B 345 0.59 2.43 -22.41
C VAL B 345 -0.03 1.56 -23.48
N GLY B 346 0.35 1.79 -24.74
CA GLY B 346 -0.10 0.99 -25.89
C GLY B 346 -1.31 1.59 -26.55
N GLY B 347 -1.91 2.61 -25.93
CA GLY B 347 -2.98 3.43 -26.50
C GLY B 347 -4.31 2.70 -26.69
N THR B 348 -4.48 1.55 -26.06
CA THR B 348 -5.73 0.75 -26.12
C THR B 348 -5.97 0.07 -24.77
N LEU B 349 -7.22 -0.07 -24.36
CA LEU B 349 -7.55 -0.81 -23.12
C LEU B 349 -7.19 -2.30 -23.25
N GLN B 350 -7.00 -2.83 -24.45
CA GLN B 350 -6.75 -4.27 -24.69
CA GLN B 350 -6.76 -4.28 -24.65
C GLN B 350 -5.27 -4.62 -24.50
N ALA B 351 -4.37 -3.64 -24.56
CA ALA B 351 -2.91 -3.91 -24.57
C ALA B 351 -2.51 -4.67 -23.32
N ALA B 352 -1.83 -5.83 -23.48
CA ALA B 352 -1.29 -6.70 -22.42
C ALA B 352 -2.41 -7.24 -21.52
N THR B 353 -3.66 -7.30 -21.98
CA THR B 353 -4.76 -7.83 -21.13
C THR B 353 -5.84 -8.46 -22.01
N ILE B 354 -7.05 -8.59 -21.51
CA ILE B 354 -8.14 -9.34 -22.20
C ILE B 354 -9.13 -8.34 -22.75
N CYS B 355 -10.06 -8.80 -23.60
CA CYS B 355 -11.02 -7.93 -24.29
C CYS B 355 -11.86 -7.17 -23.25
N ALA B 356 -12.11 -5.89 -23.48
CA ALA B 356 -12.90 -5.02 -22.57
C ALA B 356 -14.35 -5.45 -22.60
N SER B 357 -14.86 -6.00 -23.71
CA SER B 357 -16.30 -6.35 -23.80
C SER B 357 -16.54 -7.80 -23.36
N SER B 358 -15.53 -8.48 -22.83
CA SER B 358 -15.71 -9.83 -22.24
C SER B 358 -16.66 -9.77 -21.03
N HIS B 359 -17.31 -10.89 -20.78
CA HIS B 359 -18.41 -11.06 -19.77
C HIS B 359 -17.89 -11.62 -18.45
N GLN B 360 -18.23 -10.92 -17.37
CA GLN B 360 -18.09 -11.41 -15.98
C GLN B 360 -19.47 -11.43 -15.34
N PHE B 361 -19.57 -12.10 -14.21
CA PHE B 361 -20.85 -12.31 -13.51
C PHE B 361 -21.51 -10.97 -13.16
N LEU B 362 -20.75 -9.98 -12.69
CA LEU B 362 -21.34 -8.70 -12.19
C LEU B 362 -21.49 -7.68 -13.33
N SER B 363 -20.66 -7.73 -14.36
CA SER B 363 -20.63 -6.70 -15.40
C SER B 363 -19.62 -7.11 -16.49
N THR B 364 -19.38 -6.22 -17.44
CA THR B 364 -18.32 -6.38 -18.46
C THR B 364 -16.94 -6.13 -17.83
N HIS B 365 -15.92 -6.68 -18.44
CA HIS B 365 -14.52 -6.46 -18.04
C HIS B 365 -14.19 -4.95 -18.11
N TYR B 366 -14.78 -4.22 -19.04
CA TYR B 366 -14.62 -2.76 -19.16
C TYR B 366 -14.79 -2.11 -17.79
N ASN B 367 -15.84 -2.48 -17.05
CA ASN B 367 -16.18 -1.87 -15.75
C ASN B 367 -15.36 -2.52 -14.64
N LEU B 368 -14.93 -3.79 -14.78
CA LEU B 368 -14.40 -4.57 -13.65
C LEU B 368 -12.90 -4.78 -13.74
N HIS B 369 -12.26 -4.37 -14.82
CA HIS B 369 -10.82 -4.66 -15.04
C HIS B 369 -10.00 -4.24 -13.82
N ASN B 370 -10.19 -3.03 -13.31
CA ASN B 370 -9.32 -2.50 -12.24
C ASN B 370 -9.55 -3.23 -10.92
N LEU B 371 -10.61 -4.07 -10.81
CA LEU B 371 -10.89 -4.89 -9.59
C LEU B 371 -10.36 -6.33 -9.75
N TYR B 372 -9.85 -6.72 -10.90
CA TYR B 372 -9.51 -8.14 -11.16
C TYR B 372 -8.58 -8.64 -10.05
N GLY B 373 -7.46 -7.98 -9.86
CA GLY B 373 -6.47 -8.38 -8.85
C GLY B 373 -7.08 -8.42 -7.46
N LEU B 374 -7.79 -7.37 -7.08
CA LEU B 374 -8.48 -7.32 -5.78
C LEU B 374 -9.41 -8.52 -5.61
N THR B 375 -10.24 -8.83 -6.62
CA THR B 375 -11.20 -9.97 -6.52
C THR B 375 -10.44 -11.28 -6.36
N GLU B 376 -9.32 -11.45 -7.04
CA GLU B 376 -8.48 -12.65 -6.82
C GLU B 376 -7.91 -12.64 -5.40
N ALA B 377 -7.50 -11.49 -4.85
CA ALA B 377 -6.94 -11.42 -3.49
C ALA B 377 -8.05 -11.82 -2.49
N ILE B 378 -9.29 -11.37 -2.68
CA ILE B 378 -10.42 -11.74 -1.79
C ILE B 378 -10.64 -13.27 -1.88
N ALA B 379 -10.68 -13.82 -3.10
CA ALA B 379 -10.92 -15.26 -3.35
C ALA B 379 -9.84 -16.09 -2.65
N SER B 380 -8.59 -15.64 -2.74
CA SER B 380 -7.42 -16.35 -2.20
C SER B 380 -7.37 -16.24 -0.66
N HIS B 381 -7.73 -15.10 -0.09
CA HIS B 381 -7.82 -14.86 1.37
C HIS B 381 -8.82 -15.89 1.91
N ARG B 382 -10.02 -15.94 1.34
CA ARG B 382 -11.08 -16.89 1.75
C ARG B 382 -10.57 -18.34 1.60
N ALA B 383 -9.94 -18.67 0.48
CA ALA B 383 -9.48 -20.05 0.19
C ALA B 383 -8.47 -20.48 1.27
N LEU B 384 -7.56 -19.58 1.63
CA LEU B 384 -6.49 -19.88 2.63
C LEU B 384 -7.06 -20.02 4.02
N VAL B 385 -8.04 -19.20 4.40
CA VAL B 385 -8.75 -19.32 5.71
C VAL B 385 -9.37 -20.74 5.77
N LYS B 386 -10.07 -21.15 4.71
CA LYS B 386 -10.79 -22.44 4.71
C LYS B 386 -9.80 -23.57 4.69
N ALA B 387 -8.68 -23.46 3.96
CA ALA B 387 -7.72 -24.59 3.79
C ALA B 387 -6.87 -24.74 5.05
N ARG B 388 -6.52 -23.65 5.73
CA ARG B 388 -5.52 -23.72 6.82
C ARG B 388 -6.13 -23.47 8.20
N GLY B 389 -7.21 -22.71 8.30
CA GLY B 389 -7.86 -22.38 9.59
C GLY B 389 -7.08 -21.35 10.44
N THR B 390 -6.04 -20.72 9.88
CA THR B 390 -5.29 -19.62 10.51
C THR B 390 -5.21 -18.41 9.54
N ARG B 391 -4.65 -17.30 10.00
CA ARG B 391 -4.61 -16.01 9.27
C ARG B 391 -3.99 -16.24 7.90
N PRO B 392 -4.61 -15.73 6.82
CA PRO B 392 -4.01 -15.87 5.50
C PRO B 392 -2.86 -14.89 5.27
N PHE B 393 -1.99 -15.25 4.35
CA PHE B 393 -0.86 -14.44 3.87
C PHE B 393 -0.89 -14.46 2.33
N VAL B 394 -1.44 -13.38 1.76
CA VAL B 394 -1.60 -13.16 0.30
C VAL B 394 -0.76 -11.94 -0.07
N ILE B 395 0.12 -12.12 -1.04
CA ILE B 395 0.92 -11.01 -1.63
C ILE B 395 0.51 -10.91 -3.11
N SER B 396 -0.02 -9.76 -3.51
CA SER B 396 -0.66 -9.55 -4.82
C SER B 396 0.09 -8.47 -5.60
N ARG B 397 0.23 -8.65 -6.91
CA ARG B 397 0.80 -7.59 -7.76
C ARG B 397 -0.24 -6.51 -8.02
N SER B 398 -1.35 -6.88 -8.64
CA SER B 398 -2.41 -5.91 -9.01
C SER B 398 -3.28 -5.61 -7.79
N THR B 399 -3.72 -4.36 -7.65
CA THR B 399 -4.48 -3.89 -6.47
C THR B 399 -5.49 -2.84 -6.92
N PHE B 400 -6.45 -2.63 -6.05
CA PHE B 400 -7.42 -1.51 -6.12
C PHE B 400 -7.63 -1.01 -4.70
N ALA B 401 -8.26 0.15 -4.57
CA ALA B 401 -8.65 0.71 -3.25
C ALA B 401 -9.34 -0.36 -2.39
N GLY B 402 -8.88 -0.55 -1.14
CA GLY B 402 -9.44 -1.55 -0.20
C GLY B 402 -8.69 -2.87 -0.23
N HIS B 403 -7.68 -3.00 -1.06
CA HIS B 403 -6.83 -4.20 -1.16
C HIS B 403 -6.27 -4.62 0.21
N GLY B 404 -5.88 -3.65 1.03
CA GLY B 404 -5.14 -3.89 2.27
C GLY B 404 -5.98 -4.60 3.32
N ARG B 405 -7.29 -4.58 3.17
CA ARG B 405 -8.18 -5.40 4.03
C ARG B 405 -7.95 -6.89 3.81
N TYR B 406 -7.35 -7.30 2.69
CA TYR B 406 -7.27 -8.73 2.31
C TYR B 406 -5.84 -9.19 2.12
N ALA B 407 -4.94 -8.33 1.66
CA ALA B 407 -3.64 -8.79 1.17
C ALA B 407 -2.58 -7.70 1.23
N GLY B 408 -1.35 -8.11 1.00
CA GLY B 408 -0.23 -7.19 0.80
C GLY B 408 0.12 -7.03 -0.66
N HIS B 409 1.21 -6.34 -0.92
CA HIS B 409 1.63 -5.90 -2.26
C HIS B 409 3.15 -5.85 -2.28
N TRP B 410 3.72 -6.11 -3.45
CA TRP B 410 5.13 -5.74 -3.73
C TRP B 410 5.13 -4.92 -5.02
N THR B 411 6.10 -4.04 -5.21
CA THR B 411 6.04 -2.98 -6.27
C THR B 411 6.39 -3.51 -7.67
N GLY B 412 6.64 -4.82 -7.84
CA GLY B 412 6.77 -5.47 -9.15
C GLY B 412 8.19 -5.49 -9.68
N ASP B 413 8.34 -5.43 -11.00
CA ASP B 413 9.60 -5.78 -11.72
C ASP B 413 10.53 -4.54 -11.73
N VAL B 414 10.99 -4.15 -10.56
CA VAL B 414 11.91 -2.99 -10.43
C VAL B 414 13.31 -3.42 -10.91
N TRP B 415 14.00 -2.52 -11.60
CA TRP B 415 15.43 -2.73 -12.01
C TRP B 415 16.34 -2.72 -10.79
N SER B 416 17.43 -3.50 -10.86
CA SER B 416 18.54 -3.43 -9.90
C SER B 416 19.36 -2.19 -10.21
N SER B 417 18.86 -1.03 -9.81
CA SER B 417 19.47 0.30 -10.06
C SER B 417 19.36 1.15 -8.81
N TRP B 418 20.28 2.10 -8.62
CA TRP B 418 20.23 3.11 -7.53
C TRP B 418 18.96 3.95 -7.66
N GLU B 419 18.56 4.30 -8.88
CA GLU B 419 17.31 5.08 -9.08
C GLU B 419 16.11 4.32 -8.50
N GLN B 420 15.98 3.01 -8.76
CA GLN B 420 14.79 2.23 -8.31
C GLN B 420 14.90 2.02 -6.80
N LEU B 421 16.10 1.85 -6.24
CA LEU B 421 16.25 1.81 -4.75
C LEU B 421 15.64 3.09 -4.19
N ALA B 422 16.03 4.26 -4.74
CA ALA B 422 15.57 5.57 -4.20
C ALA B 422 14.05 5.68 -4.37
N SER B 423 13.54 5.27 -5.53
CA SER B 423 12.08 5.33 -5.88
C SER B 423 11.24 4.42 -4.98
N SER B 424 11.82 3.37 -4.42
CA SER B 424 11.06 2.43 -3.55
C SER B 424 10.57 3.14 -2.29
N VAL B 425 11.27 4.16 -1.76
CA VAL B 425 10.83 4.78 -0.48
C VAL B 425 9.51 5.49 -0.67
N PRO B 426 9.37 6.39 -1.65
CA PRO B 426 8.07 7.04 -1.88
C PRO B 426 6.96 6.02 -2.16
N GLU B 427 7.25 4.95 -2.89
CA GLU B 427 6.18 3.97 -3.27
C GLU B 427 5.69 3.22 -2.02
N ILE B 428 6.60 2.82 -1.14
CA ILE B 428 6.22 2.09 0.11
C ILE B 428 5.40 3.04 0.98
N LEU B 429 5.81 4.31 1.07
CA LEU B 429 5.05 5.31 1.85
C LEU B 429 3.67 5.51 1.24
N GLN B 430 3.58 5.57 -0.07
CA GLN B 430 2.29 5.85 -0.73
C GLN B 430 1.29 4.71 -0.41
N PHE B 431 1.73 3.45 -0.50
CA PHE B 431 0.87 2.27 -0.22
C PHE B 431 0.44 2.26 1.24
N ASN B 432 1.27 2.73 2.17
CA ASN B 432 0.85 2.89 3.59
C ASN B 432 -0.28 3.93 3.70
N LEU B 433 -0.17 5.05 3.00
CA LEU B 433 -1.26 6.06 2.99
C LEU B 433 -2.57 5.44 2.45
N LEU B 434 -2.49 4.44 1.57
CA LEU B 434 -3.63 3.83 0.85
C LEU B 434 -4.18 2.59 1.56
N GLY B 435 -3.65 2.28 2.76
CA GLY B 435 -4.12 1.21 3.62
C GLY B 435 -3.59 -0.14 3.22
N VAL B 436 -2.47 -0.17 2.52
CA VAL B 436 -1.77 -1.43 2.14
C VAL B 436 -0.40 -1.40 2.84
N PRO B 437 -0.36 -1.49 4.19
CA PRO B 437 0.92 -1.31 4.89
C PRO B 437 1.89 -2.48 4.66
N LEU B 438 1.34 -3.66 4.35
CA LEU B 438 2.20 -4.83 4.09
C LEU B 438 2.68 -4.70 2.64
N VAL B 439 3.74 -3.91 2.46
CA VAL B 439 4.25 -3.57 1.11
C VAL B 439 5.77 -3.53 1.20
N GLY B 440 6.42 -3.80 0.07
CA GLY B 440 7.87 -3.68 -0.11
C GLY B 440 8.23 -3.82 -1.57
N ALA B 441 9.50 -3.62 -1.89
CA ALA B 441 10.08 -3.84 -3.22
C ALA B 441 10.98 -5.07 -3.12
N ASP B 442 11.23 -5.71 -4.25
CA ASP B 442 12.20 -6.83 -4.34
C ASP B 442 13.57 -6.33 -3.87
N VAL B 443 14.02 -6.78 -2.71
CA VAL B 443 15.33 -6.33 -2.14
C VAL B 443 16.47 -6.74 -3.09
N CYS B 444 17.34 -5.77 -3.41
CA CYS B 444 18.47 -5.76 -4.38
C CYS B 444 17.97 -5.60 -5.81
N GLY B 445 16.65 -5.55 -6.01
CA GLY B 445 16.03 -5.35 -7.33
C GLY B 445 15.77 -6.66 -8.05
N PHE B 446 14.81 -6.64 -8.98
CA PHE B 446 14.36 -7.84 -9.73
C PHE B 446 15.10 -7.97 -11.07
N LEU B 447 14.96 -7.00 -11.96
CA LEU B 447 15.50 -7.05 -13.34
C LEU B 447 17.00 -6.69 -13.32
N GLY B 448 17.75 -7.30 -14.21
CA GLY B 448 19.18 -7.01 -14.39
C GLY B 448 20.00 -7.57 -13.26
N ASN B 449 21.25 -7.13 -13.17
CA ASN B 449 22.22 -7.68 -12.17
C ASN B 449 22.47 -6.62 -11.12
N THR B 450 22.39 -6.99 -9.86
CA THR B 450 22.66 -6.06 -8.75
C THR B 450 24.17 -5.94 -8.64
N SER B 451 24.66 -4.95 -7.91
CA SER B 451 26.09 -4.90 -7.51
C SER B 451 26.16 -5.19 -6.02
N GLU B 452 27.32 -5.60 -5.52
CA GLU B 452 27.49 -5.78 -4.06
C GLU B 452 27.10 -4.52 -3.27
N GLU B 453 27.60 -3.34 -3.65
CA GLU B 453 27.31 -2.08 -2.92
C GLU B 453 25.81 -1.80 -2.93
N LEU B 454 25.17 -1.94 -4.10
CA LEU B 454 23.69 -1.72 -4.22
C LEU B 454 22.95 -2.69 -3.30
N CYS B 455 23.33 -3.97 -3.29
CA CYS B 455 22.62 -5.00 -2.49
C CYS B 455 22.85 -4.75 -1.00
N VAL B 456 24.01 -4.22 -0.58
CA VAL B 456 24.18 -3.81 0.84
C VAL B 456 23.21 -2.66 1.21
N ARG B 457 23.17 -1.58 0.44
CA ARG B 457 22.28 -0.42 0.70
C ARG B 457 20.81 -0.84 0.58
N TRP B 458 20.48 -1.70 -0.37
CA TRP B 458 19.09 -2.15 -0.59
C TRP B 458 18.62 -3.03 0.58
N THR B 459 19.50 -3.88 1.10
CA THR B 459 19.19 -4.74 2.28
C THR B 459 19.02 -3.87 3.52
N GLN B 460 19.89 -2.86 3.71
CA GLN B 460 19.78 -1.91 4.83
C GLN B 460 18.42 -1.22 4.80
N LEU B 461 18.05 -0.64 3.66
CA LEU B 461 16.75 0.09 3.55
C LEU B 461 15.60 -0.93 3.59
N GLY B 462 15.75 -2.04 2.85
CA GLY B 462 14.74 -3.10 2.73
C GLY B 462 14.41 -3.78 4.05
N ALA B 463 15.31 -3.79 5.03
CA ALA B 463 15.03 -4.27 6.40
C ALA B 463 13.97 -3.38 7.09
N PHE B 464 13.66 -2.19 6.54
CA PHE B 464 12.60 -1.29 7.04
C PHE B 464 11.38 -1.29 6.10
N TYR B 465 11.35 -2.11 5.07
CA TYR B 465 10.08 -2.37 4.33
C TYR B 465 9.19 -3.18 5.26
N PRO B 466 7.88 -2.85 5.40
CA PRO B 466 7.03 -3.68 6.23
C PRO B 466 6.99 -5.13 5.72
N PHE B 467 7.01 -5.33 4.40
CA PHE B 467 7.15 -6.65 3.76
C PHE B 467 8.55 -6.74 3.14
N MET B 468 9.39 -7.64 3.64
CA MET B 468 10.80 -7.72 3.23
C MET B 468 11.07 -9.06 2.53
N ARG B 469 11.22 -9.01 1.22
CA ARG B 469 11.54 -10.17 0.37
C ARG B 469 12.65 -9.79 -0.63
N ASN B 470 13.65 -10.67 -0.74
CA ASN B 470 14.66 -10.61 -1.81
C ASN B 470 14.17 -11.58 -2.87
N HIS B 471 13.92 -11.07 -4.06
CA HIS B 471 13.41 -11.83 -5.23
C HIS B 471 14.23 -11.36 -6.44
N ASN B 472 14.40 -12.24 -7.42
CA ASN B 472 15.42 -12.11 -8.47
C ASN B 472 14.89 -12.75 -9.75
N SER B 473 15.21 -12.17 -10.90
CA SER B 473 14.68 -12.65 -12.19
C SER B 473 15.52 -13.84 -12.67
N LEU B 474 15.00 -14.55 -13.66
CA LEU B 474 15.57 -15.82 -14.19
C LEU B 474 17.00 -15.59 -14.70
N LEU B 475 17.26 -14.53 -15.46
CA LEU B 475 18.57 -14.39 -16.15
C LEU B 475 19.58 -13.59 -15.30
N SER B 476 19.27 -13.29 -14.04
CA SER B 476 20.10 -12.42 -13.16
C SER B 476 21.20 -13.22 -12.46
N LEU B 477 22.30 -12.56 -12.12
CA LEU B 477 23.33 -13.10 -11.20
C LEU B 477 22.69 -13.31 -9.82
N PRO B 478 23.14 -14.34 -9.06
CA PRO B 478 22.60 -14.57 -7.72
C PRO B 478 22.73 -13.34 -6.82
N GLN B 479 21.79 -13.14 -5.91
CA GLN B 479 21.80 -12.01 -4.95
C GLN B 479 21.30 -12.44 -3.55
N GLU B 480 21.37 -13.72 -3.23
CA GLU B 480 21.12 -14.17 -1.83
C GLU B 480 22.23 -13.56 -0.96
N PRO B 481 21.91 -13.16 0.29
CA PRO B 481 22.91 -12.54 1.19
C PRO B 481 24.24 -13.32 1.32
N TYR B 482 24.18 -14.65 1.27
CA TYR B 482 25.37 -15.56 1.41
C TYR B 482 26.20 -15.58 0.12
N SER B 483 25.77 -14.95 -0.98
CA SER B 483 26.48 -14.97 -2.29
C SER B 483 27.50 -13.82 -2.37
N PHE B 484 27.64 -12.96 -1.35
CA PHE B 484 28.52 -11.77 -1.42
C PHE B 484 29.81 -11.96 -0.61
N SER B 485 30.71 -10.99 -0.69
CA SER B 485 31.97 -10.90 0.12
C SER B 485 31.65 -10.91 1.62
N GLU B 486 32.62 -11.29 2.44
CA GLU B 486 32.45 -11.34 3.91
C GLU B 486 32.02 -9.98 4.46
N PRO B 487 32.65 -8.83 4.12
CA PRO B 487 32.20 -7.54 4.68
C PRO B 487 30.77 -7.17 4.29
N ALA B 488 30.37 -7.49 3.08
CA ALA B 488 28.97 -7.25 2.61
C ALA B 488 28.00 -8.15 3.41
N GLN B 489 28.31 -9.43 3.58
CA GLN B 489 27.54 -10.38 4.42
C GLN B 489 27.39 -9.83 5.83
N GLN B 490 28.46 -9.31 6.45
CA GLN B 490 28.36 -8.74 7.82
C GLN B 490 27.34 -7.61 7.83
N ALA B 491 27.37 -6.71 6.85
CA ALA B 491 26.45 -5.56 6.81
C ALA B 491 25.00 -6.08 6.63
N MET B 492 24.80 -7.05 5.74
CA MET B 492 23.43 -7.59 5.50
C MET B 492 22.91 -8.33 6.76
N ARG B 493 23.79 -9.06 7.45
CA ARG B 493 23.43 -9.81 8.68
C ARG B 493 23.06 -8.82 9.78
N LYS B 494 23.75 -7.69 9.89
CA LYS B 494 23.42 -6.66 10.89
C LYS B 494 22.02 -6.10 10.59
N ALA B 495 21.69 -5.83 9.32
CA ALA B 495 20.37 -5.29 8.96
C ALA B 495 19.26 -6.29 9.33
N LEU B 496 19.43 -7.57 9.01
CA LEU B 496 18.43 -8.62 9.34
C LEU B 496 18.35 -8.79 10.87
N THR B 497 19.46 -8.73 11.60
CA THR B 497 19.48 -8.84 13.07
C THR B 497 18.66 -7.72 13.69
N LEU B 498 18.83 -6.49 13.20
CA LEU B 498 18.11 -5.33 13.75
C LEU B 498 16.62 -5.49 13.44
N ARG B 499 16.27 -5.90 12.22
CA ARG B 499 14.83 -6.10 11.89
C ARG B 499 14.23 -7.16 12.84
N TYR B 500 14.89 -8.28 13.03
CA TYR B 500 14.37 -9.36 13.92
C TYR B 500 14.22 -8.82 15.34
N ALA B 501 15.16 -8.02 15.83
CA ALA B 501 15.10 -7.48 17.20
C ALA B 501 13.86 -6.58 17.34
N LEU B 502 13.49 -5.89 16.25
CA LEU B 502 12.37 -4.91 16.24
C LEU B 502 11.03 -5.56 15.92
N LEU B 503 10.97 -6.87 15.65
CA LEU B 503 9.70 -7.51 15.22
C LEU B 503 8.56 -7.33 16.22
N PRO B 504 8.75 -7.38 17.56
CA PRO B 504 7.64 -7.11 18.48
C PRO B 504 7.03 -5.71 18.29
N HIS B 505 7.88 -4.74 18.00
CA HIS B 505 7.49 -3.35 17.72
C HIS B 505 6.77 -3.27 16.35
N LEU B 506 7.34 -3.89 15.32
CA LEU B 506 6.71 -3.88 13.97
C LEU B 506 5.33 -4.56 14.07
N TYR B 507 5.23 -5.66 14.82
CA TYR B 507 3.95 -6.38 14.98
C TYR B 507 2.91 -5.49 15.68
N THR B 508 3.34 -4.75 16.69
CA THR B 508 2.45 -3.81 17.42
C THR B 508 2.00 -2.70 16.45
N LEU B 509 2.88 -2.21 15.58
CA LEU B 509 2.50 -1.21 14.54
C LEU B 509 1.44 -1.80 13.60
N PHE B 510 1.56 -3.06 13.19
CA PHE B 510 0.50 -3.71 12.37
C PHE B 510 -0.79 -3.83 13.16
N HIS B 511 -0.73 -4.12 14.45
CA HIS B 511 -1.94 -4.18 15.31
C HIS B 511 -2.67 -2.82 15.27
N GLN B 512 -1.96 -1.70 15.39
CA GLN B 512 -2.56 -0.33 15.35
C GLN B 512 -3.13 -0.05 13.96
N ALA B 513 -2.49 -0.53 12.89
CA ALA B 513 -3.03 -0.41 11.52
C ALA B 513 -4.38 -1.13 11.49
N HIS B 514 -4.41 -2.36 11.98
CA HIS B 514 -5.60 -3.27 11.89
C HIS B 514 -6.76 -2.77 12.77
N VAL B 515 -6.49 -2.19 13.94
CA VAL B 515 -7.59 -1.75 14.86
C VAL B 515 -7.94 -0.28 14.70
N ALA B 516 -7.07 0.57 14.16
CA ALA B 516 -7.30 2.03 14.23
C ALA B 516 -6.99 2.70 12.87
N GLY B 517 -6.68 1.93 11.82
CA GLY B 517 -6.42 2.51 10.48
C GLY B 517 -5.18 3.38 10.46
N GLU B 518 -4.18 3.06 11.29
CA GLU B 518 -2.88 3.74 11.30
C GLU B 518 -2.02 3.23 10.13
N THR B 519 -0.98 3.99 9.81
CA THR B 519 0.08 3.58 8.85
C THR B 519 1.16 2.88 9.66
N VAL B 520 1.93 2.02 9.01
CA VAL B 520 3.10 1.34 9.61
C VAL B 520 4.34 2.13 9.21
N ALA B 521 4.68 2.16 7.93
CA ALA B 521 5.74 3.05 7.39
C ALA B 521 5.07 4.36 6.98
N ARG B 522 5.53 5.50 7.50
CA ARG B 522 4.81 6.77 7.30
C ARG B 522 5.79 7.89 6.98
N PRO B 523 5.36 8.82 6.11
CA PRO B 523 6.22 9.93 5.76
C PRO B 523 6.28 10.89 6.95
N LEU B 524 7.35 11.67 6.99
CA LEU B 524 7.55 12.68 8.05
C LEU B 524 6.36 13.63 8.14
N PHE B 525 5.74 14.00 7.02
CA PHE B 525 4.60 14.98 7.04
C PHE B 525 3.37 14.40 7.75
N LEU B 526 3.22 13.08 7.87
CA LEU B 526 2.07 12.51 8.62
C LEU B 526 2.27 12.72 10.11
N GLU B 527 3.51 12.71 10.55
CA GLU B 527 3.82 12.83 11.98
C GLU B 527 4.05 14.29 12.37
N PHE B 528 4.58 15.12 11.48
CA PHE B 528 4.88 16.55 11.76
C PHE B 528 4.31 17.44 10.66
N PRO B 529 2.99 17.39 10.43
CA PRO B 529 2.38 18.16 9.34
C PRO B 529 2.51 19.69 9.49
N LYS B 530 2.67 20.20 10.72
CA LYS B 530 2.73 21.67 10.97
C LYS B 530 4.12 22.18 10.65
N ASP B 531 5.07 21.30 10.38
CA ASP B 531 6.41 21.70 9.88
C ASP B 531 6.44 21.52 8.36
N SER B 532 6.29 22.60 7.60
CA SER B 532 6.12 22.55 6.12
C SER B 532 7.40 22.05 5.46
N SER B 533 8.55 22.09 6.15
CA SER B 533 9.80 21.50 5.62
C SER B 533 9.66 20.00 5.43
N THR B 534 8.72 19.35 6.12
CA THR B 534 8.56 17.87 5.99
C THR B 534 7.78 17.53 4.71
N TRP B 535 7.08 18.49 4.10
CA TRP B 535 6.05 18.16 3.07
C TRP B 535 6.67 17.45 1.86
N THR B 536 7.91 17.79 1.50
CA THR B 536 8.57 17.24 0.29
C THR B 536 9.55 16.13 0.66
N VAL B 537 9.66 15.73 1.92
CA VAL B 537 10.61 14.63 2.32
C VAL B 537 10.00 13.27 1.95
N ASP B 538 10.65 12.51 1.08
CA ASP B 538 10.19 11.14 0.72
C ASP B 538 11.36 10.17 0.57
N HIS B 539 12.60 10.55 0.98
CA HIS B 539 13.77 9.64 0.97
C HIS B 539 14.18 9.26 2.40
N GLN B 540 13.35 9.61 3.37
CA GLN B 540 13.38 9.14 4.78
C GLN B 540 12.01 8.55 5.07
N LEU B 541 11.95 7.68 6.06
CA LEU B 541 10.64 7.15 6.54
C LEU B 541 10.67 7.00 8.04
N LEU B 542 9.48 7.01 8.62
CA LEU B 542 9.25 6.61 10.02
C LEU B 542 8.60 5.23 10.04
N TRP B 543 8.98 4.42 11.03
CA TRP B 543 8.11 3.33 11.54
C TRP B 543 7.30 3.92 12.68
N GLY B 544 6.00 4.02 12.48
CA GLY B 544 5.11 4.63 13.46
C GLY B 544 5.54 6.04 13.79
N GLU B 545 5.38 6.42 15.07
CA GLU B 545 5.63 7.79 15.56
C GLU B 545 7.12 7.99 15.82
N ALA B 546 7.91 6.93 16.04
CA ALA B 546 9.16 7.08 16.83
C ALA B 546 10.46 6.73 16.10
N LEU B 547 10.46 5.92 15.04
CA LEU B 547 11.74 5.42 14.49
C LEU B 547 11.96 6.10 13.15
N LEU B 548 13.01 6.90 13.04
CA LEU B 548 13.32 7.67 11.83
C LEU B 548 14.47 6.98 11.13
N ILE B 549 14.26 6.57 9.87
CA ILE B 549 15.26 5.84 9.05
C ILE B 549 15.73 6.77 7.94
N THR B 550 17.04 6.99 7.83
CA THR B 550 17.66 7.88 6.84
C THR B 550 18.66 7.09 6.01
N PRO B 551 18.20 6.42 4.92
CA PRO B 551 19.07 5.51 4.19
C PRO B 551 20.00 6.27 3.24
N VAL B 552 21.15 5.68 2.97
CA VAL B 552 21.96 6.05 1.77
C VAL B 552 21.32 5.40 0.53
N LEU B 553 21.07 6.20 -0.51
CA LEU B 553 20.32 5.77 -1.71
C LEU B 553 21.14 6.03 -2.99
N GLN B 554 22.46 6.22 -2.85
CA GLN B 554 23.36 6.55 -3.98
C GLN B 554 24.70 5.83 -3.81
N ALA B 555 25.34 5.45 -4.92
CA ALA B 555 26.64 4.75 -4.94
C ALA B 555 27.70 5.70 -4.40
N GLY B 556 28.72 5.16 -3.71
CA GLY B 556 29.96 5.89 -3.39
C GLY B 556 29.78 6.88 -2.25
N LYS B 557 28.66 6.86 -1.53
CA LYS B 557 28.40 7.82 -0.42
C LYS B 557 28.82 7.23 0.93
N ALA B 558 29.48 8.01 1.78
CA ALA B 558 29.84 7.62 3.17
C ALA B 558 29.17 8.58 4.13
N GLU B 559 28.22 9.36 3.64
CA GLU B 559 27.37 10.21 4.50
C GLU B 559 26.00 10.37 3.83
N VAL B 560 25.05 10.86 4.60
CA VAL B 560 23.70 11.18 4.10
C VAL B 560 23.20 12.38 4.88
N THR B 561 22.46 13.24 4.19
CA THR B 561 21.81 14.43 4.77
C THR B 561 20.31 14.15 4.88
N GLY B 562 19.77 14.29 6.08
CA GLY B 562 18.35 14.01 6.34
C GLY B 562 17.72 15.10 7.16
N TYR B 563 16.39 15.19 7.12
CA TYR B 563 15.64 16.19 7.87
C TYR B 563 15.29 15.62 9.24
N PHE B 564 15.56 16.39 10.30
CA PHE B 564 15.18 16.07 11.70
C PHE B 564 14.20 17.10 12.19
N PRO B 565 12.92 16.72 12.38
CA PRO B 565 11.95 17.61 13.01
C PRO B 565 12.44 18.02 14.40
N LEU B 566 11.88 19.13 14.89
CA LEU B 566 12.21 19.71 16.21
C LEU B 566 12.09 18.58 17.24
N GLY B 567 13.12 18.40 18.06
CA GLY B 567 13.13 17.39 19.13
C GLY B 567 14.49 16.78 19.25
N THR B 568 14.63 15.84 20.18
CA THR B 568 15.82 15.01 20.35
C THR B 568 15.59 13.66 19.68
N TRP B 569 16.61 13.22 18.96
CA TRP B 569 16.62 11.95 18.20
C TRP B 569 17.86 11.18 18.61
N TYR B 570 17.67 10.06 19.29
CA TYR B 570 18.78 9.24 19.79
C TYR B 570 19.26 8.29 18.70
N ASP B 571 20.58 8.15 18.55
CA ASP B 571 21.17 7.16 17.63
C ASP B 571 20.86 5.76 18.14
N LEU B 572 20.20 4.93 17.34
CA LEU B 572 19.79 3.56 17.80
C LEU B 572 21.04 2.69 18.00
N GLN B 573 22.18 3.08 17.42
CA GLN B 573 23.48 2.36 17.64
C GLN B 573 23.88 2.42 19.13
N THR B 574 23.29 3.29 19.95
CA THR B 574 23.59 3.34 21.40
C THR B 574 22.75 2.31 22.15
N VAL B 575 21.85 1.58 21.47
CA VAL B 575 21.07 0.47 22.10
C VAL B 575 21.75 -0.86 21.79
N PRO B 576 22.17 -1.66 22.79
CA PRO B 576 22.80 -2.96 22.52
C PRO B 576 21.82 -3.99 21.96
N ILE B 577 22.16 -4.61 20.83
CA ILE B 577 21.37 -5.70 20.17
C ILE B 577 22.28 -6.93 20.06
N GLU B 578 21.79 -8.11 20.44
CA GLU B 578 22.53 -9.41 20.35
C GLU B 578 22.39 -9.94 18.92
N ALA B 579 23.49 -10.35 18.30
CA ALA B 579 23.54 -10.95 16.95
C ALA B 579 24.10 -12.39 17.04
N LEU B 580 23.46 -13.36 16.38
CA LEU B 580 23.94 -14.78 16.33
C LEU B 580 25.28 -14.87 15.57
N GLY B 581 25.50 -14.10 14.50
CA GLY B 581 26.74 -14.14 13.69
C GLY B 581 27.68 -12.99 14.00
N SER B 582 28.63 -12.70 13.10
CA SER B 582 29.65 -11.63 13.25
C SER B 582 29.13 -10.30 12.65
N ARG B 591 30.15 10.07 15.45
CA ARG B 591 28.71 9.74 15.61
C ARG B 591 28.20 10.30 16.94
N GLU B 592 27.34 11.33 16.87
CA GLU B 592 26.62 11.91 18.03
C GLU B 592 25.64 10.87 18.58
N PRO B 593 25.62 10.64 19.91
CA PRO B 593 24.61 9.78 20.54
C PRO B 593 23.18 10.32 20.46
N ALA B 594 23.02 11.64 20.35
CA ALA B 594 21.69 12.28 20.24
C ALA B 594 21.78 13.50 19.33
N ILE B 595 20.80 13.66 18.47
CA ILE B 595 20.65 14.86 17.61
C ILE B 595 19.67 15.78 18.31
N HIS B 596 20.07 17.01 18.64
CA HIS B 596 19.17 18.03 19.24
C HIS B 596 18.76 18.99 18.13
N SER B 597 17.58 18.79 17.53
CA SER B 597 17.18 19.48 16.28
C SER B 597 16.22 20.60 16.63
N GLU B 598 16.33 21.73 15.92
CA GLU B 598 15.30 22.80 15.97
C GLU B 598 14.33 22.62 14.79
N GLY B 599 14.48 21.55 14.01
CA GLY B 599 13.83 21.39 12.70
C GLY B 599 14.77 21.84 11.60
N GLN B 600 15.63 20.94 11.15
CA GLN B 600 16.77 21.29 10.29
C GLN B 600 17.28 20.01 9.62
N TRP B 601 18.03 20.20 8.54
CA TRP B 601 18.81 19.19 7.80
C TRP B 601 20.10 18.91 8.57
N VAL B 602 20.48 17.65 8.71
CA VAL B 602 21.69 17.23 9.45
C VAL B 602 22.42 16.22 8.56
N THR B 603 23.72 16.40 8.37
CA THR B 603 24.57 15.43 7.64
C THR B 603 25.06 14.41 8.64
N LEU B 604 24.87 13.12 8.35
CA LEU B 604 25.18 12.00 9.26
C LEU B 604 26.27 11.18 8.60
N PRO B 605 27.24 10.62 9.36
CA PRO B 605 28.15 9.63 8.81
C PRO B 605 27.31 8.40 8.41
N ALA B 606 27.64 7.77 7.29
CA ALA B 606 26.91 6.62 6.73
C ALA B 606 27.85 5.77 5.89
N PRO B 607 28.88 5.17 6.52
CA PRO B 607 29.75 4.23 5.84
C PRO B 607 28.90 3.03 5.38
N LEU B 608 29.48 2.22 4.50
CA LEU B 608 28.80 1.10 3.80
C LEU B 608 28.17 0.17 4.84
N ASP B 609 28.79 -0.03 6.01
CA ASP B 609 28.29 -0.99 7.02
C ASP B 609 27.17 -0.35 7.87
N THR B 610 26.69 0.85 7.51
CA THR B 610 25.75 1.59 8.40
C THR B 610 24.49 2.01 7.66
N ILE B 611 23.34 1.89 8.33
CA ILE B 611 22.14 2.70 7.99
C ILE B 611 21.77 3.48 9.24
N ASN B 612 21.50 4.76 9.05
CA ASN B 612 21.12 5.67 10.15
C ASN B 612 19.68 5.42 10.58
N VAL B 613 19.50 5.14 11.87
CA VAL B 613 18.17 4.96 12.48
C VAL B 613 18.18 5.73 13.79
N HIS B 614 17.20 6.59 14.02
CA HIS B 614 17.13 7.41 15.25
C HIS B 614 15.80 7.16 15.94
N LEU B 615 15.82 7.15 17.27
CA LEU B 615 14.62 6.96 18.11
C LEU B 615 14.22 8.30 18.71
N ARG B 616 12.99 8.72 18.44
CA ARG B 616 12.41 9.98 18.94
C ARG B 616 12.28 9.98 20.48
N ALA B 617 12.70 11.06 21.13
CA ALA B 617 12.59 11.23 22.60
C ALA B 617 11.12 11.21 22.98
N GLY B 618 10.80 10.47 24.04
CA GLY B 618 9.43 10.32 24.55
C GLY B 618 8.80 8.99 24.18
N TYR B 619 9.56 8.07 23.60
CA TYR B 619 9.05 6.78 23.12
C TYR B 619 9.86 5.63 23.71
N ILE B 620 9.13 4.55 23.99
CA ILE B 620 9.66 3.23 24.45
C ILE B 620 9.34 2.17 23.39
N ILE B 621 10.36 1.42 22.97
CA ILE B 621 10.29 0.36 21.93
C ILE B 621 10.53 -0.98 22.62
N PRO B 622 9.66 -1.98 22.43
CA PRO B 622 9.94 -3.35 22.84
C PRO B 622 10.79 -4.05 21.79
N LEU B 623 11.76 -4.83 22.25
CA LEU B 623 12.70 -5.61 21.41
C LEU B 623 12.72 -7.05 21.89
N GLN B 624 13.11 -7.98 21.02
CA GLN B 624 13.20 -9.41 21.42
C GLN B 624 14.53 -9.95 20.92
N GLY B 625 15.05 -10.94 21.64
CA GLY B 625 16.33 -11.62 21.39
C GLY B 625 16.33 -12.30 20.04
N PRO B 626 17.52 -12.77 19.59
CA PRO B 626 17.74 -13.17 18.21
C PRO B 626 17.25 -14.59 17.90
N GLY B 627 17.13 -14.87 16.62
CA GLY B 627 16.78 -16.17 16.07
C GLY B 627 17.01 -16.17 14.57
N LEU B 628 17.15 -17.33 13.97
CA LEU B 628 17.16 -17.46 12.49
C LEU B 628 15.73 -17.56 11.95
N THR B 629 14.74 -17.75 12.81
CA THR B 629 13.29 -17.73 12.47
C THR B 629 12.53 -17.01 13.58
N THR B 630 11.28 -16.59 13.33
CA THR B 630 10.38 -16.06 14.39
C THR B 630 9.98 -17.19 15.34
N THR B 631 10.01 -18.44 14.91
CA THR B 631 9.71 -19.60 15.79
C THR B 631 10.73 -19.58 16.94
N GLU B 632 11.99 -19.30 16.63
CA GLU B 632 13.08 -19.19 17.63
C GLU B 632 13.00 -17.83 18.38
N SER B 633 12.88 -16.71 17.66
CA SER B 633 13.01 -15.35 18.22
C SER B 633 11.89 -15.11 19.25
N ARG B 634 10.68 -15.63 18.98
CA ARG B 634 9.48 -15.45 19.82
C ARG B 634 9.66 -16.14 21.18
N GLN B 635 10.58 -17.09 21.31
CA GLN B 635 10.84 -17.79 22.61
C GLN B 635 11.87 -17.00 23.44
N GLN B 636 12.52 -15.98 22.90
CA GLN B 636 13.66 -15.29 23.54
C GLN B 636 13.15 -14.27 24.56
N PRO B 637 13.98 -13.89 25.54
CA PRO B 637 13.66 -12.77 26.41
C PRO B 637 13.57 -11.46 25.63
N MET B 638 12.75 -10.56 26.15
CA MET B 638 12.54 -9.20 25.60
C MET B 638 13.37 -8.16 26.36
N ALA B 639 13.49 -6.97 25.75
CA ALA B 639 14.22 -5.79 26.24
C ALA B 639 13.37 -4.56 25.93
N LEU B 640 13.53 -3.48 26.68
CA LEU B 640 12.94 -2.15 26.34
C LEU B 640 14.05 -1.17 25.97
N ALA B 641 13.81 -0.31 24.96
CA ALA B 641 14.61 0.89 24.68
C ALA B 641 13.75 2.09 25.06
N VAL B 642 14.21 2.85 26.05
CA VAL B 642 13.44 3.96 26.66
C VAL B 642 14.12 5.28 26.28
N ALA B 643 13.51 6.06 25.39
CA ALA B 643 14.08 7.34 24.92
C ALA B 643 13.47 8.49 25.73
N LEU B 644 14.22 9.02 26.71
CA LEU B 644 13.67 10.06 27.62
C LEU B 644 13.64 11.42 26.91
N THR B 645 12.55 12.14 27.12
CA THR B 645 12.51 13.61 26.92
C THR B 645 13.47 14.26 27.92
N LYS B 646 13.85 15.51 27.65
CA LYS B 646 14.55 16.42 28.61
C LYS B 646 13.86 16.34 29.98
N GLY B 647 12.53 16.37 30.05
CA GLY B 647 11.72 16.27 31.29
C GLY B 647 11.63 14.87 31.90
N GLY B 648 12.31 13.85 31.34
CA GLY B 648 12.40 12.50 31.93
C GLY B 648 11.21 11.62 31.60
N GLU B 649 10.47 11.89 30.53
CA GLU B 649 9.22 11.15 30.23
C GLU B 649 9.35 10.29 28.96
N ALA B 650 8.61 9.18 28.91
CA ALA B 650 8.51 8.32 27.69
C ALA B 650 7.31 7.41 27.82
N ARG B 651 6.78 6.98 26.67
CA ARG B 651 5.63 6.05 26.62
C ARG B 651 5.78 5.09 25.44
N GLY B 652 5.35 3.86 25.63
CA GLY B 652 5.28 2.87 24.54
C GLY B 652 4.32 1.77 24.84
N GLU B 653 4.25 0.79 23.96
CA GLU B 653 3.30 -0.31 24.12
C GLU B 653 3.80 -1.55 23.44
N LEU B 654 3.17 -2.65 23.83
CA LEU B 654 3.39 -4.01 23.25
C LEU B 654 2.05 -4.71 23.11
N PHE B 655 1.78 -5.18 21.91
CA PHE B 655 0.65 -6.08 21.59
C PHE B 655 1.21 -7.47 21.36
N TRP B 656 0.69 -8.50 22.04
CA TRP B 656 1.19 -9.89 21.81
C TRP B 656 0.01 -10.86 21.72
N ASP B 657 0.05 -11.79 20.75
CA ASP B 657 -0.90 -12.91 20.62
C ASP B 657 -0.12 -14.14 20.17
N ASP B 658 -0.79 -15.18 19.67
CA ASP B 658 -0.12 -16.45 19.29
C ASP B 658 0.50 -16.29 17.89
N GLY B 659 0.30 -15.15 17.22
CA GLY B 659 1.01 -14.84 15.99
C GLY B 659 0.34 -15.41 14.74
N GLU B 660 -0.77 -16.16 14.83
CA GLU B 660 -1.39 -16.71 13.58
C GLU B 660 -2.88 -17.02 13.69
N SER B 661 -3.49 -17.04 14.88
CA SER B 661 -4.91 -17.43 14.99
C SER B 661 -5.82 -16.36 14.41
N LEU B 662 -6.98 -16.80 13.92
CA LEU B 662 -8.11 -15.93 13.52
C LEU B 662 -8.87 -15.45 14.76
N GLU B 663 -9.48 -14.28 14.65
CA GLU B 663 -10.51 -13.73 15.58
C GLU B 663 -9.88 -13.49 16.96
N VAL B 664 -8.61 -13.11 17.01
CA VAL B 664 -7.87 -12.91 18.29
C VAL B 664 -8.52 -11.78 19.07
N LEU B 665 -8.82 -10.66 18.42
CA LEU B 665 -9.33 -9.45 19.14
C LEU B 665 -10.75 -9.73 19.65
N GLU B 666 -11.60 -10.34 18.83
CA GLU B 666 -12.99 -10.73 19.20
C GLU B 666 -12.97 -11.70 20.38
N ARG B 667 -12.03 -12.65 20.43
CA ARG B 667 -11.99 -13.67 21.52
C ARG B 667 -11.21 -13.15 22.74
N GLY B 668 -10.50 -12.02 22.63
CA GLY B 668 -9.65 -11.47 23.71
C GLY B 668 -8.37 -12.29 23.93
N ALA B 669 -7.88 -13.03 22.92
CA ALA B 669 -6.76 -13.99 23.07
C ALA B 669 -5.43 -13.28 22.82
N TYR B 670 -5.15 -12.24 23.61
CA TYR B 670 -3.95 -11.40 23.45
C TYR B 670 -3.56 -10.76 24.80
N THR B 671 -2.33 -10.29 24.85
CA THR B 671 -1.81 -9.44 25.94
C THR B 671 -1.49 -8.07 25.36
N GLN B 672 -1.80 -7.02 26.11
CA GLN B 672 -1.51 -5.63 25.71
C GLN B 672 -0.97 -4.90 26.94
N VAL B 673 0.20 -4.32 26.80
CA VAL B 673 0.94 -3.67 27.92
C VAL B 673 1.38 -2.28 27.45
N ILE B 674 1.22 -1.28 28.33
CA ILE B 674 1.77 0.09 28.14
C ILE B 674 2.97 0.25 29.07
N PHE B 675 4.03 0.87 28.56
CA PHE B 675 5.25 1.23 29.33
C PHE B 675 5.26 2.76 29.53
N LEU B 676 5.55 3.21 30.76
CA LEU B 676 5.60 4.65 31.11
C LEU B 676 6.89 4.94 31.88
N ALA B 677 7.68 5.89 31.41
CA ALA B 677 8.84 6.45 32.14
C ALA B 677 8.46 7.84 32.64
N ARG B 678 8.73 8.13 33.91
CA ARG B 678 8.43 9.42 34.58
C ARG B 678 9.28 9.46 35.84
N ASN B 679 9.96 10.59 36.08
CA ASN B 679 10.62 10.87 37.38
C ASN B 679 11.54 9.70 37.76
N ASN B 680 12.46 9.29 36.88
CA ASN B 680 13.48 8.24 37.14
C ASN B 680 12.82 6.89 37.51
N THR B 681 11.62 6.62 36.99
CA THR B 681 10.93 5.32 37.15
C THR B 681 10.43 4.85 35.78
N ILE B 682 10.43 3.53 35.59
CA ILE B 682 9.77 2.82 34.46
C ILE B 682 8.78 1.82 35.06
N VAL B 683 7.53 1.85 34.60
CA VAL B 683 6.44 0.94 35.04
C VAL B 683 5.77 0.40 33.79
N ASN B 684 5.08 -0.72 33.94
CA ASN B 684 4.14 -1.28 32.95
C ASN B 684 2.73 -1.07 33.48
N GLU B 685 1.78 -0.85 32.58
CA GLU B 685 0.32 -0.79 32.85
C GLU B 685 -0.30 -1.92 32.06
N LEU B 686 -0.99 -2.82 32.75
CA LEU B 686 -1.58 -4.04 32.17
C LEU B 686 -2.97 -3.69 31.63
N VAL B 687 -3.10 -3.50 30.31
CA VAL B 687 -4.40 -3.28 29.61
C VAL B 687 -5.11 -4.63 29.54
N ARG B 688 -4.40 -5.69 29.15
CA ARG B 688 -5.03 -7.02 29.10
C ARG B 688 -3.91 -8.03 29.23
N VAL B 689 -4.07 -9.00 30.12
CA VAL B 689 -3.12 -10.12 30.25
C VAL B 689 -3.89 -11.44 30.08
N THR B 690 -3.45 -12.30 29.16
CA THR B 690 -4.00 -13.67 28.98
C THR B 690 -2.84 -14.64 28.87
N SER B 691 -3.13 -15.93 28.70
CA SER B 691 -2.15 -17.02 28.53
C SER B 691 -1.17 -16.69 27.40
N GLU B 692 -1.63 -16.02 26.34
CA GLU B 692 -0.70 -15.60 25.24
C GLU B 692 -0.08 -14.29 25.67
N GLY B 693 1.19 -14.31 26.08
CA GLY B 693 1.93 -13.12 26.54
C GLY B 693 2.28 -13.20 28.01
N ALA B 694 1.66 -14.14 28.73
CA ALA B 694 1.84 -14.42 30.19
C ALA B 694 3.30 -14.77 30.50
N GLY B 695 3.94 -15.58 29.67
CA GLY B 695 5.31 -16.05 29.96
C GLY B 695 6.39 -15.06 29.53
N LEU B 696 6.05 -13.88 28.99
CA LEU B 696 7.07 -13.03 28.31
C LEU B 696 8.04 -12.48 29.35
N GLN B 697 9.33 -12.77 29.18
CA GLN B 697 10.43 -12.36 30.09
C GLN B 697 10.99 -11.01 29.62
N LEU B 698 11.17 -10.07 30.55
CA LEU B 698 11.90 -8.80 30.29
C LEU B 698 13.24 -8.94 31.01
N GLN B 699 14.34 -8.92 30.29
CA GLN B 699 15.66 -9.15 30.91
C GLN B 699 16.55 -7.91 30.80
N LYS B 700 16.15 -6.90 30.03
CA LYS B 700 17.07 -5.76 29.75
C LYS B 700 16.28 -4.47 29.56
N VAL B 701 16.68 -3.40 30.22
CA VAL B 701 16.09 -2.05 30.03
C VAL B 701 17.23 -1.08 29.72
N THR B 702 17.21 -0.50 28.53
CA THR B 702 18.22 0.52 28.13
C THR B 702 17.52 1.88 28.12
N VAL B 703 18.05 2.82 28.87
CA VAL B 703 17.46 4.18 29.03
C VAL B 703 18.41 5.18 28.36
N LEU B 704 17.89 5.93 27.38
CA LEU B 704 18.67 6.94 26.63
C LEU B 704 18.36 8.33 27.19
N GLY B 705 19.36 9.19 27.27
CA GLY B 705 19.21 10.57 27.79
C GLY B 705 19.22 10.65 29.31
N VAL B 706 20.01 9.81 29.99
CA VAL B 706 20.22 9.89 31.48
C VAL B 706 21.46 10.76 31.69
N ALA B 707 21.24 11.97 32.21
CA ALA B 707 22.21 13.10 32.19
C ALA B 707 23.36 12.84 33.19
N THR B 708 23.11 12.13 34.29
CA THR B 708 24.14 11.87 35.34
C THR B 708 24.12 10.40 35.80
N ALA B 709 25.30 9.85 36.06
CA ALA B 709 25.52 8.47 36.57
C ALA B 709 24.65 8.26 37.79
N PRO B 710 23.80 7.22 37.85
CA PRO B 710 23.05 6.90 39.06
C PRO B 710 23.97 6.23 40.09
N GLN B 711 23.64 6.43 41.37
CA GLN B 711 24.33 5.78 42.52
C GLN B 711 23.65 4.45 42.83
N GLN B 712 22.35 4.33 42.55
CA GLN B 712 21.64 3.04 42.69
C GLN B 712 20.55 2.88 41.62
N VAL B 713 20.38 1.63 41.18
CA VAL B 713 19.31 1.19 40.23
C VAL B 713 18.57 0.03 40.90
N LEU B 714 17.26 0.16 41.05
CA LEU B 714 16.38 -0.80 41.75
C LEU B 714 15.42 -1.42 40.74
N SER B 715 15.09 -2.69 40.96
CA SER B 715 13.95 -3.39 40.33
C SER B 715 13.04 -3.89 41.45
N ASN B 716 11.83 -3.35 41.51
CA ASN B 716 10.80 -3.66 42.53
C ASN B 716 11.41 -3.41 43.92
N GLY B 717 12.26 -2.39 44.06
CA GLY B 717 12.74 -1.90 45.36
C GLY B 717 14.06 -2.52 45.76
N VAL B 718 14.64 -3.40 44.95
CA VAL B 718 15.90 -4.12 45.29
C VAL B 718 16.98 -3.80 44.26
N PRO B 719 18.22 -3.56 44.70
CA PRO B 719 19.31 -3.25 43.76
C PRO B 719 19.42 -4.36 42.71
N VAL B 720 19.57 -3.96 41.44
CA VAL B 720 19.66 -4.91 40.30
C VAL B 720 21.00 -5.64 40.38
N SER B 721 21.08 -6.83 39.79
CA SER B 721 22.31 -7.65 39.72
C SER B 721 23.44 -6.85 39.06
N ASN B 722 23.13 -6.05 38.02
CA ASN B 722 24.15 -5.23 37.31
C ASN B 722 23.51 -4.18 36.39
N PHE B 723 24.23 -3.08 36.21
CA PHE B 723 23.89 -1.98 35.29
C PHE B 723 25.18 -1.35 34.83
N THR B 724 25.15 -0.70 33.67
CA THR B 724 26.29 0.11 33.19
C THR B 724 25.74 1.49 32.83
N TYR B 725 26.50 2.53 33.15
CA TYR B 725 26.21 3.91 32.70
C TYR B 725 27.39 4.38 31.87
N SER B 726 27.13 4.92 30.68
CA SER B 726 28.17 5.48 29.79
C SER B 726 28.07 6.99 29.82
N PRO B 727 29.03 7.72 30.45
CA PRO B 727 28.97 9.18 30.53
C PRO B 727 29.09 9.89 29.16
N ASP B 728 29.79 9.26 28.22
CA ASP B 728 29.96 9.75 26.83
C ASP B 728 28.60 9.71 26.09
N THR B 729 27.80 8.65 26.24
CA THR B 729 26.58 8.41 25.41
C THR B 729 25.31 8.74 26.19
N LYS B 730 25.41 8.90 27.51
CA LYS B 730 24.26 9.16 28.42
C LYS B 730 23.31 7.95 28.43
N VAL B 731 23.84 6.74 28.29
CA VAL B 731 22.99 5.52 28.24
C VAL B 731 23.15 4.76 29.57
N LEU B 732 22.02 4.42 30.18
CA LEU B 732 21.90 3.52 31.36
C LEU B 732 21.39 2.17 30.90
N ASP B 733 22.20 1.12 31.01
CA ASP B 733 21.85 -0.26 30.59
C ASP B 733 21.62 -1.12 31.84
N ILE B 734 20.42 -1.67 32.01
CA ILE B 734 19.99 -2.32 33.28
C ILE B 734 19.65 -3.79 33.00
N CSO B 735 20.26 -4.74 33.72
CA CSO B 735 19.84 -6.17 33.76
CB CSO B 735 20.98 -7.09 34.11
SG CSO B 735 22.30 -7.03 32.89
C CSO B 735 18.72 -6.37 34.77
O CSO B 735 18.83 -5.87 35.93
OD CSO B 735 21.64 -7.52 31.47
N VAL B 736 17.65 -7.01 34.34
CA VAL B 736 16.45 -7.26 35.18
C VAL B 736 15.97 -8.70 34.95
N SER B 737 15.05 -9.16 35.79
CA SER B 737 14.37 -10.47 35.70
C SER B 737 12.90 -10.24 35.95
N LEU B 738 12.19 -9.70 34.96
CA LEU B 738 10.78 -9.29 35.11
C LEU B 738 9.92 -10.01 34.06
N LEU B 739 8.61 -9.88 34.21
CA LEU B 739 7.58 -10.50 33.35
C LEU B 739 6.72 -9.36 32.80
N MET B 740 6.54 -9.32 31.48
CA MET B 740 5.77 -8.24 30.81
C MET B 740 4.39 -8.17 31.43
N GLY B 741 3.84 -9.33 31.81
CA GLY B 741 2.46 -9.48 32.31
C GLY B 741 2.30 -9.25 33.81
N GLU B 742 3.33 -8.88 34.56
CA GLU B 742 3.21 -8.60 36.01
C GLU B 742 3.77 -7.21 36.30
N GLN B 743 3.04 -6.45 37.10
CA GLN B 743 3.38 -5.04 37.40
C GLN B 743 4.78 -4.98 38.00
N PHE B 744 5.63 -4.14 37.43
CA PHE B 744 7.00 -3.90 37.94
C PHE B 744 7.21 -2.39 38.09
N LEU B 745 8.24 -2.03 38.86
CA LEU B 745 8.78 -0.65 38.99
C LEU B 745 10.30 -0.71 38.94
N VAL B 746 10.90 -0.17 37.89
CA VAL B 746 12.37 0.02 37.80
C VAL B 746 12.66 1.49 38.10
N SER B 747 13.65 1.78 38.94
CA SER B 747 13.96 3.18 39.40
C SER B 747 15.47 3.36 39.52
N TRP B 748 15.92 4.60 39.46
CA TRP B 748 17.36 4.94 39.60
C TRP B 748 17.48 6.32 40.25
N CYS B 749 18.62 6.60 40.87
CA CYS B 749 18.93 7.93 41.48
C CYS B 749 20.43 8.09 41.71
C1 NAG C . -38.92 20.48 -10.30
C2 NAG C . -39.01 19.70 -11.61
C3 NAG C . -40.28 20.13 -12.33
C4 NAG C . -41.53 19.94 -11.47
C5 NAG C . -41.34 20.53 -10.07
C6 NAG C . -42.50 20.16 -9.14
C7 NAG C . -37.13 19.24 -13.02
C8 NAG C . -36.09 19.83 -13.92
N2 NAG C . -37.94 20.13 -12.44
O3 NAG C . -40.39 19.41 -13.55
O4 NAG C . -42.58 20.70 -12.09
O5 NAG C . -40.09 20.09 -9.53
O6 NAG C . -42.60 18.74 -9.01
O7 NAG C . -37.25 18.04 -12.84
C1 NAG C . -43.73 19.87 -12.32
C2 NAG C . -44.99 20.73 -12.51
C3 NAG C . -46.21 19.85 -12.79
C4 NAG C . -45.95 18.76 -13.80
C5 NAG C . -44.62 18.03 -13.52
C6 NAG C . -44.32 16.94 -14.56
C7 NAG C . -44.97 22.76 -11.18
C8 NAG C . -45.39 23.39 -9.88
N2 NAG C . -45.26 21.48 -11.30
O3 NAG C . -47.30 20.66 -13.21
O4 NAG C . -47.03 17.83 -13.71
O5 NAG C . -43.56 19.01 -13.46
O6 NAG C . -44.03 17.59 -15.80
O7 NAG C . -44.42 23.39 -12.06
C1 FUC C . -43.62 18.36 -8.06
C2 FUC C . -44.04 16.89 -8.28
C3 FUC C . -42.91 15.95 -7.91
C4 FUC C . -42.34 16.19 -6.53
C5 FUC C . -42.10 17.69 -6.30
C6 FUC C . -41.76 17.96 -4.84
O2 FUC C . -44.38 16.62 -9.65
O3 FUC C . -43.39 14.61 -7.99
O4 FUC C . -43.19 15.66 -5.52
O5 FUC C . -43.22 18.50 -6.69
C1 NAG D . -15.71 28.37 -6.92
C2 NAG D . -15.54 29.70 -6.17
C3 NAG D . -16.21 30.86 -6.93
C4 NAG D . -15.87 30.82 -8.42
C5 NAG D . -16.02 29.41 -9.00
C6 NAG D . -15.60 29.37 -10.47
C7 NAG D . -15.52 29.81 -3.76
C8 NAG D . -16.32 29.91 -2.50
N2 NAG D . -16.21 29.68 -4.88
O3 NAG D . -15.76 32.09 -6.33
O4 NAG D . -16.86 31.64 -9.09
O5 NAG D . -15.20 28.49 -8.25
O6 NAG D . -14.20 29.55 -10.50
O7 NAG D . -14.31 29.89 -3.78
C1 NAG D . -16.28 32.70 -9.83
C2 NAG D . -17.42 33.31 -10.66
C3 NAG D . -17.02 34.60 -11.38
C4 NAG D . -16.33 35.53 -10.36
C5 NAG D . -15.13 34.76 -9.81
C6 NAG D . -14.16 35.59 -8.97
C7 NAG D . -19.07 31.74 -11.45
C8 NAG D . -19.44 30.69 -12.42
N2 NAG D . -17.88 32.27 -11.60
O3 NAG D . -18.20 35.19 -11.94
O4 NAG D . -15.96 36.81 -10.92
O5 NAG D . -15.67 33.70 -9.01
O6 NAG D . -14.83 35.97 -7.76
O7 NAG D . -19.84 32.09 -10.56
C1 NAG E . 25.18 -23.15 -1.51
C2 NAG E . 25.03 -22.89 -2.99
C3 NAG E . 25.98 -23.78 -3.80
C4 NAG E . 27.41 -23.67 -3.31
C5 NAG E . 27.42 -23.92 -1.80
C6 NAG E . 28.81 -23.89 -1.17
C7 NAG E . 22.78 -22.22 -3.57
C8 NAG E . 21.44 -22.71 -4.07
N2 NAG E . 23.68 -23.15 -3.42
O3 NAG E . 25.90 -23.40 -5.16
O4 NAG E . 28.15 -24.71 -3.95
O5 NAG E . 26.57 -22.93 -1.20
O6 NAG E . 29.27 -22.56 -1.37
O7 NAG E . 23.01 -21.07 -3.31
C1 NAG E . 29.36 -24.25 -4.58
C2 NAG E . 30.17 -25.52 -4.90
C3 NAG E . 31.24 -25.34 -5.96
C4 NAG E . 30.76 -24.48 -7.11
C5 NAG E . 30.22 -23.16 -6.56
C6 NAG E . 29.79 -22.18 -7.65
C7 NAG E . 30.30 -27.14 -3.08
C8 NAG E . 30.92 -27.48 -1.76
N2 NAG E . 30.74 -26.02 -3.65
O3 NAG E . 31.61 -26.62 -6.48
O4 NAG E . 31.84 -24.27 -8.01
O5 NAG E . 29.08 -23.45 -5.73
O6 NAG E . 29.99 -20.83 -7.21
O7 NAG E . 29.44 -27.87 -3.58
C1 NAG F . -14.98 -17.30 -28.17
C2 NAG F . -14.63 -17.00 -29.64
C3 NAG F . -14.43 -18.27 -30.51
C4 NAG F . -13.45 -19.19 -29.79
C5 NAG F . -13.89 -19.43 -28.33
C6 NAG F . -12.92 -20.28 -27.52
C7 NAG F . -15.35 -14.92 -30.69
C8 NAG F . -16.47 -14.21 -31.40
N2 NAG F . -15.62 -16.16 -30.26
O3 NAG F . -13.93 -17.84 -31.79
O4 NAG F . -13.41 -20.51 -30.42
O5 NAG F . -14.01 -18.20 -27.64
O6 NAG F . -13.51 -20.59 -26.25
O7 NAG F . -14.25 -14.39 -30.52
C1 NAG F . -12.42 -20.53 -31.44
C2 NAG F . -11.79 -21.91 -31.46
C3 NAG F . -10.86 -22.08 -32.63
C4 NAG F . -11.47 -21.60 -33.91
C5 NAG F . -12.07 -20.20 -33.78
C6 NAG F . -12.71 -19.82 -35.12
C7 NAG F . -11.26 -23.21 -29.50
C8 NAG F . -10.42 -23.36 -28.26
N2 NAG F . -11.00 -22.17 -30.28
O3 NAG F . -10.51 -23.43 -32.74
O4 NAG F . -10.40 -21.55 -34.87
O5 NAG F . -13.03 -20.23 -32.70
O6 NAG F . -13.43 -18.60 -35.05
O7 NAG F . -12.21 -23.94 -29.78
C1 BMA F . -10.48 -22.63 -35.82
C2 BMA F . -9.94 -22.08 -37.12
C3 BMA F . -10.07 -23.16 -38.19
C4 BMA F . -9.42 -24.46 -37.74
C5 BMA F . -9.93 -24.89 -36.37
C6 BMA F . -9.27 -26.19 -35.91
O2 BMA F . -8.57 -21.67 -36.89
O3 BMA F . -9.48 -22.73 -39.42
O4 BMA F . -9.76 -25.46 -38.71
O5 BMA F . -9.72 -23.79 -35.45
O6 BMA F . -8.63 -26.07 -34.63
CL CL G . -4.89 25.65 -36.48
CL CL H . -15.93 17.91 -32.62
CL CL I . -25.36 10.88 -29.04
C1 EDO J . -31.98 11.34 -20.28
O1 EDO J . -31.58 12.20 -19.23
C2 EDO J . -31.57 11.78 -21.63
O2 EDO J . -30.19 12.00 -21.78
C1 GOL K . -5.93 21.22 -26.76
O1 GOL K . -6.36 22.16 -25.78
C2 GOL K . -4.52 20.74 -26.48
O2 GOL K . -3.65 21.88 -26.40
C3 GOL K . -4.43 19.90 -25.22
O3 GOL K . -5.24 18.72 -25.31
C1 EDO L . -10.39 33.85 -29.22
O1 EDO L . -9.10 33.51 -28.75
C2 EDO L . -11.34 32.71 -29.11
O2 EDO L . -10.83 31.52 -29.65
C1 EDO M . -35.03 16.89 -6.97
O1 EDO M . -35.36 16.98 -5.56
C2 EDO M . -34.80 15.51 -7.45
O2 EDO M . -34.12 14.64 -6.53
C1 U54 N . 6.17 -12.94 -13.33
C2 U54 N . 5.49 -12.10 -12.25
C3 U54 N . 6.33 -11.26 -11.32
C4 U54 N . 7.77 -11.77 -11.19
C5 U54 N . 7.81 -13.24 -11.39
C6 U54 N . 7.50 -13.57 -12.85
C7 U54 N . 7.52 -15.07 -13.10
O3 U54 N . 6.37 -9.93 -11.78
O5 U54 N . 9.12 -13.68 -11.00
O7 U54 N . 6.53 -15.77 -12.35
O4 U54 N . 8.15 -11.41 -9.85
N1 U54 N . 6.28 -12.22 -14.64
C13 U54 N . 6.66 -13.14 -15.75
C14 U54 N . 6.61 -12.34 -17.08
C15 U54 N . 6.92 -13.17 -18.36
C16 U54 N . 7.05 -12.29 -19.62
C17 U54 N . 6.78 -13.04 -20.95
C18 U54 N . 6.70 -12.13 -22.19
C19 U54 N . 5.69 -12.65 -23.23
C20 U54 N . 6.02 -12.33 -24.70
N49 U54 N . 5.27 -13.14 -25.68
C53 U54 N . 4.72 -14.38 -25.70
C52 U54 N . 4.12 -14.57 -26.95
N51 U54 N . 4.34 -13.45 -27.68
N50 U54 N . 5.06 -12.52 -26.91
C54 U54 N . 3.37 -15.80 -27.50
C55 U54 N . 2.56 -16.54 -26.45
C56 U54 N . 3.34 -17.65 -25.74
C57 U54 N . 2.56 -18.28 -24.57
N58 U54 N . 3.45 -19.18 -23.79
C1 NAG O . 23.87 -9.94 -16.08
C2 NAG O . 23.78 -9.26 -17.44
C3 NAG O . 23.84 -10.31 -18.55
C4 NAG O . 25.06 -11.20 -18.39
C5 NAG O . 25.15 -11.72 -16.95
C6 NAG O . 26.39 -12.60 -16.78
C7 NAG O . 22.56 -7.14 -17.72
C8 NAG O . 21.23 -6.50 -17.94
N2 NAG O . 22.55 -8.47 -17.61
O3 NAG O . 23.87 -9.64 -19.83
O4 NAG O . 24.97 -12.30 -19.29
O5 NAG O . 25.13 -10.64 -16.01
O6 NAG O . 27.58 -11.88 -17.06
O7 NAG O . 23.60 -6.48 -17.67
S SO4 P . 21.62 3.76 -11.67
O1 SO4 P . 20.35 4.34 -11.23
O2 SO4 P . 21.49 3.45 -13.07
O3 SO4 P . 22.67 4.71 -11.45
O4 SO4 P . 21.96 2.52 -10.94
S SO4 Q . -10.00 -9.80 14.75
O1 SO4 Q . -10.98 -10.10 15.77
O2 SO4 Q . -9.87 -8.41 14.53
O3 SO4 Q . -10.35 -10.46 13.52
O4 SO4 Q . -8.73 -10.33 15.21
S SO4 R . 23.64 13.86 0.65
O1 SO4 R . 22.50 13.07 1.13
O2 SO4 R . 23.15 15.00 -0.07
O3 SO4 R . 24.49 13.08 -0.22
O4 SO4 R . 24.46 14.29 1.79
S SO4 S . 12.96 16.65 24.09
O1 SO4 S . 12.24 16.25 22.90
O2 SO4 S . 12.04 17.11 25.09
O3 SO4 S . 13.86 17.71 23.70
O4 SO4 S . 13.71 15.56 24.64
CL CL T . -23.43 -3.47 -15.55
CL CL U . -25.95 -10.22 -11.71
CL CL V . 13.88 23.72 4.42
CL CL W . 5.14 19.81 -5.30
CL CL X . 18.75 20.18 1.57
CL CL Y . -8.00 21.93 13.98
CL CL Z . 8.71 -11.87 39.10
C1 EDO AA . 5.63 -3.18 42.67
O1 EDO AA . 6.93 -2.69 42.94
C2 EDO AA . 4.81 -2.25 41.86
O2 EDO AA . 3.42 -2.45 42.05
C1 EDO BA . -0.52 27.89 -3.95
O1 EDO BA . -0.41 27.94 -5.37
C2 EDO BA . -1.75 27.23 -3.45
O2 EDO BA . -2.78 28.12 -3.08
C1 EDO CA . 14.51 14.59 -0.98
O1 EDO CA . 15.75 14.04 -1.38
C2 EDO CA . 14.31 14.50 0.49
O2 EDO CA . 13.54 13.38 0.89
C1 GOL DA . -20.09 2.38 -18.59
O1 GOL DA . -20.02 1.95 -17.23
C2 GOL DA . -20.54 1.31 -19.57
O2 GOL DA . -21.08 0.11 -18.96
C3 GOL DA . -21.51 1.90 -20.57
O3 GOL DA . -21.78 1.03 -21.65
C1 EDO EA . 6.61 -14.22 42.38
O1 EDO EA . 7.77 -13.40 42.25
C2 EDO EA . 5.44 -13.70 41.61
O2 EDO EA . 5.74 -13.51 40.22
C1 GOL FA . -22.20 -26.56 -10.79
O1 GOL FA . -21.46 -25.43 -10.30
C2 GOL FA . -23.31 -26.96 -9.84
O2 GOL FA . -22.85 -26.81 -8.50
C3 GOL FA . -23.83 -28.37 -10.04
O3 GOL FA . -22.90 -29.37 -9.61
C1 GOL GA . -4.72 -30.63 -7.34
O1 GOL GA . -4.44 -31.07 -6.02
C2 GOL GA . -6.19 -30.30 -7.50
O2 GOL GA . -6.97 -31.45 -7.17
C3 GOL GA . -6.54 -29.86 -8.90
O3 GOL GA . -5.97 -30.72 -9.88
C1 EDO HA . 20.42 13.85 25.02
O1 EDO HA . 19.11 14.15 25.66
C2 EDO HA . 21.17 12.80 25.78
O2 EDO HA . 22.03 11.94 25.01
C1 EDO IA . 6.48 -23.42 11.28
O1 EDO IA . 6.53 -23.71 12.70
C2 EDO IA . 5.74 -24.37 10.40
O2 EDO IA . 4.49 -24.91 10.82
C1 EDO JA . 2.66 -29.78 7.80
O1 EDO JA . 3.99 -29.95 7.35
C2 EDO JA . 1.86 -31.02 7.75
O2 EDO JA . 1.85 -31.69 6.50
C1 PGE KA . 7.64 -7.42 -17.68
O1 PGE KA . 8.87 -7.35 -16.87
C2 PGE KA . 7.08 -6.05 -18.03
O2 PGE KA . 8.05 -5.33 -18.81
C3 PGE KA . 7.79 -3.96 -19.05
C4 PGE KA . 8.96 -3.38 -19.77
O4 PGE KA . 11.81 -5.93 -20.28
C6 PGE KA . 11.63 -4.51 -20.43
C5 PGE KA . 10.55 -4.14 -21.42
O3 PGE KA . 9.27 -4.32 -20.81
#